data_7JIX
#
_entry.id   7JIX
#
_cell.length_a   198.507
_cell.length_b   198.507
_cell.length_c   198.507
_cell.angle_alpha   90.000
_cell.angle_beta   90.000
_cell.angle_gamma   90.000
#
_symmetry.space_group_name_H-M   'P 21 3'
#
loop_
_entity.id
_entity.type
_entity.pdbx_description
1 polymer 'Hemagglutinin HA1 chain'
2 polymer 'Hemagglutinin HA2 chain'
3 polymer 'Fab light chain'
4 polymer 'Fab heavy chain'
5 branched alpha-D-mannopyranose-(1-3)-alpha-D-mannopyranose-(1-3)-beta-D-mannopyranose-(1-4)-2-acetamido-2-deoxy-beta-D-glucopyranose-(1-4)-2-acetamido-2-deoxy-beta-D-glucopyranose
6 branched beta-D-mannopyranose-(1-4)-2-acetamido-2-deoxy-beta-D-glucopyranose-(1-4)-2-acetamido-2-deoxy-beta-D-glucopyranose
#
loop_
_entity_poly.entity_id
_entity_poly.type
_entity_poly.pdbx_seq_one_letter_code
_entity_poly.pdbx_strand_id
1 'polypeptide(L)'
;ADPGYLLEDTICIGYHANNSTDTVDTVLEKNVTVTHSVNLLEDSHNGKLCLLKGIAPLQLGNCSVAGWILGNPECELLIS
RESWSYIVEKPNPENGTCYPGHFADYEELREQLSSVSSFERFEIFPKESSWPNHTTTGVSASCSHNGESSFYKNLLWLTG
KNGLYPNLSKSYANNKEKEVLVLWGVHHPPNIGDQRALYHTENAYVSVVSSHYSRKFTPEIAKRPKVRDREGRINYYWTL
LEPGDTIIFEANGNLIAPRYAFALSRGFGSGIINSNAPMDECDAKCQTPQGAINSSLPFQNVHPVTIGECPKYVRSAKLR
MVTGLRNIPSIQSR
;
A
2 'polypeptide(L)'
;GLFGAIAGFIEGGWTGMVDGWYGYHHQNEQGSGYAADQKSTQNAINGITNKVNSVIEKMNTQFTAVGKEFNKLERRMENL
NKKVDDGFIDIWTYNAELLVLLENERTLDFHDSNVKNLYEKVKSQLKNNAKEIGNGCFEFYHKCNDECMESVKNGTYDYP
KYSEESKLNREKIDGVR
;
B
3 'polypeptide(L)'
;ASDIVLTQSPASLAVSLGQRATISCKASQSVDFDGDSYMNWYQQKPGQPPKLLIYTTSNLESGIPARFSGSGSGTDFTLN
IHPVEEEDAATYYCQQSSEDPYTFGGGTKLEIKRADGAPTVSIFPPSSEQLTSGGASVVCFLNNFYPKDINVKWKIDGSE
RQNGVLNSWTDQDSKDSTYSMSSTLTLTKDEYERHNSYTCEATHKTSTSPIVKSFNRNEC
;
L
4 'polypeptide(L)'
;ASEVQLQESGPELVKPGASVKISCKASGYAFSRSWMNWVKQRPGKGLEWIGRIYPGDGDTNYNGKFKGKATLTADKSSST
AYMQLSSLTSEDSAVYFCARGSNSFAYWGQGTLVTVSGAKTTPPSVYPLAPGSAAQTNSMVTLGCLVKGYFPEPVTVTWN
SGSLSSGVHTFPAVLQSDLYTLSSSVTVPSSTWPSETVTCNVAHPASSTKVDKKIVPRDCGHHHHHH
;
H
#
loop_
_chem_comp.id
_chem_comp.type
_chem_comp.name
_chem_comp.formula
BMA D-saccharide, beta linking beta-D-mannopyranose 'C6 H12 O6'
MAN D-saccharide, alpha linking alpha-D-mannopyranose 'C6 H12 O6'
NAG D-saccharide, beta linking 2-acetamido-2-deoxy-beta-D-glucopyranose 'C8 H15 N O6'
#
# COMPACT_ATOMS: atom_id res chain seq x y z
N GLU A 8 55.09 -44.59 -54.71
CA GLU A 8 54.78 -44.20 -56.07
C GLU A 8 53.26 -44.27 -56.30
N ASP A 9 52.61 -45.22 -55.63
CA ASP A 9 51.18 -45.43 -55.80
C ASP A 9 50.69 -46.15 -54.54
N THR A 10 50.05 -45.41 -53.63
CA THR A 10 49.87 -45.87 -52.26
C THR A 10 48.43 -45.68 -51.78
N ILE A 11 48.14 -46.33 -50.66
CA ILE A 11 46.89 -46.19 -49.91
C ILE A 11 47.26 -45.96 -48.44
N CYS A 12 46.50 -45.09 -47.77
CA CYS A 12 46.87 -44.64 -46.44
C CYS A 12 45.65 -44.62 -45.54
N ILE A 13 45.80 -45.10 -44.31
CA ILE A 13 44.74 -45.10 -43.30
C ILE A 13 45.04 -44.03 -42.27
N GLY A 14 44.07 -43.16 -42.00
CA GLY A 14 44.24 -42.08 -41.06
C GLY A 14 42.96 -41.71 -40.35
N TYR A 15 43.10 -40.82 -39.37
CA TYR A 15 42.01 -40.44 -38.49
C TYR A 15 41.87 -38.93 -38.44
N HIS A 16 40.62 -38.46 -38.38
CA HIS A 16 40.29 -37.05 -38.59
C HIS A 16 40.87 -36.17 -37.50
N ALA A 17 41.20 -34.93 -37.89
CA ALA A 17 41.61 -33.89 -36.97
C ALA A 17 40.91 -32.59 -37.35
N ASN A 18 40.46 -31.85 -36.33
CA ASN A 18 39.75 -30.59 -36.53
C ASN A 18 40.45 -29.50 -35.75
N ASN A 19 40.08 -28.25 -36.03
CA ASN A 19 40.74 -27.11 -35.39
C ASN A 19 40.05 -26.67 -34.11
N SER A 20 39.06 -27.41 -33.62
CA SER A 20 38.43 -27.10 -32.35
C SER A 20 39.37 -27.40 -31.19
N THR A 21 39.34 -26.54 -30.17
CA THR A 21 40.22 -26.64 -29.01
C THR A 21 39.52 -27.23 -27.79
N ASP A 22 38.35 -27.85 -27.99
CA ASP A 22 37.58 -28.39 -26.88
C ASP A 22 38.42 -29.35 -26.05
N THR A 23 38.65 -28.98 -24.79
CA THR A 23 39.52 -29.73 -23.89
C THR A 23 38.69 -30.57 -22.94
N VAL A 24 39.19 -31.79 -22.65
CA VAL A 24 38.50 -32.74 -21.80
C VAL A 24 39.54 -33.40 -20.90
N ASP A 25 39.08 -33.96 -19.79
CA ASP A 25 39.92 -34.68 -18.83
C ASP A 25 39.56 -36.15 -18.83
N THR A 26 40.57 -37.02 -18.89
CA THR A 26 40.38 -38.46 -18.80
C THR A 26 41.01 -39.00 -17.52
N VAL A 27 40.95 -40.31 -17.36
CA VAL A 27 41.51 -40.94 -16.18
C VAL A 27 43.04 -41.01 -16.26
N LEU A 28 43.57 -41.26 -17.46
CA LEU A 28 45.02 -41.44 -17.61
C LEU A 28 45.78 -40.13 -17.67
N GLU A 29 45.16 -39.06 -18.19
CA GLU A 29 45.80 -37.76 -18.29
C GLU A 29 44.70 -36.70 -18.19
N LYS A 30 45.09 -35.43 -18.32
CA LYS A 30 44.14 -34.32 -18.18
C LYS A 30 44.37 -33.28 -19.26
N ASN A 31 43.32 -32.49 -19.48
CA ASN A 31 43.36 -31.26 -20.25
C ASN A 31 43.82 -31.58 -21.69
N VAL A 32 43.24 -32.64 -22.25
CA VAL A 32 43.61 -33.14 -23.57
C VAL A 32 42.65 -32.55 -24.60
N THR A 33 43.21 -31.95 -25.66
CA THR A 33 42.39 -31.37 -26.70
C THR A 33 41.79 -32.46 -27.57
N VAL A 34 40.54 -32.26 -28.00
CA VAL A 34 39.75 -33.31 -28.63
C VAL A 34 39.01 -32.74 -29.84
N THR A 35 38.79 -33.60 -30.84
CA THR A 35 38.10 -33.18 -32.06
C THR A 35 36.73 -32.58 -31.75
N HIS A 36 35.84 -33.39 -31.17
CA HIS A 36 34.47 -32.97 -30.91
C HIS A 36 34.13 -33.25 -29.46
N SER A 37 33.29 -32.38 -28.88
CA SER A 37 32.93 -32.51 -27.48
C SER A 37 31.49 -32.07 -27.27
N VAL A 38 30.91 -32.51 -26.16
CA VAL A 38 29.63 -32.04 -25.68
C VAL A 38 29.78 -31.66 -24.22
N ASN A 39 29.26 -30.50 -23.84
CA ASN A 39 29.25 -30.08 -22.45
C ASN A 39 28.00 -30.64 -21.78
N LEU A 40 28.20 -31.26 -20.62
CA LEU A 40 27.09 -31.81 -19.85
C LEU A 40 26.67 -30.92 -18.69
N LEU A 41 27.46 -29.91 -18.36
CA LEU A 41 27.18 -29.03 -17.23
C LEU A 41 26.68 -27.69 -17.74
N GLU A 42 25.50 -27.29 -17.29
CA GLU A 42 24.94 -25.97 -17.62
C GLU A 42 25.50 -24.95 -16.64
N ASP A 43 26.15 -23.91 -17.18
CA ASP A 43 26.95 -22.99 -16.37
C ASP A 43 26.49 -21.55 -16.48
N SER A 44 25.25 -21.30 -16.91
CA SER A 44 24.81 -19.93 -17.18
C SER A 44 23.37 -19.75 -16.77
N HIS A 45 23.08 -18.61 -16.14
CA HIS A 45 21.73 -18.18 -15.80
C HIS A 45 21.49 -16.79 -16.41
N ASN A 46 20.35 -16.19 -16.06
CA ASN A 46 20.01 -14.86 -16.56
C ASN A 46 19.72 -13.85 -15.47
N GLY A 47 19.70 -14.25 -14.20
CA GLY A 47 19.49 -13.32 -13.10
C GLY A 47 18.15 -12.60 -13.13
N LYS A 48 17.08 -13.30 -13.52
CA LYS A 48 15.76 -12.71 -13.56
C LYS A 48 14.75 -13.69 -12.97
N LEU A 49 13.53 -13.21 -12.80
CA LEU A 49 12.43 -14.00 -12.26
C LEU A 49 11.42 -14.20 -13.40
N CYS A 50 11.60 -15.30 -14.13
CA CYS A 50 10.71 -15.64 -15.22
C CYS A 50 9.37 -16.11 -14.67
N LEU A 51 8.54 -16.62 -15.57
CA LEU A 51 7.23 -17.19 -15.27
C LEU A 51 7.37 -18.70 -15.43
N LEU A 52 7.27 -19.44 -14.34
CA LEU A 52 7.09 -20.88 -14.51
C LEU A 52 5.84 -21.17 -15.31
N LYS A 53 6.08 -21.85 -16.43
CA LYS A 53 5.15 -22.52 -17.32
C LYS A 53 4.24 -21.58 -18.08
N GLY A 54 3.58 -20.68 -17.37
CA GLY A 54 3.05 -19.44 -17.86
C GLY A 54 2.57 -18.59 -16.69
N ILE A 55 2.51 -19.19 -15.50
CA ILE A 55 1.91 -18.52 -14.35
C ILE A 55 3.01 -17.84 -13.56
N ALA A 56 2.85 -16.54 -13.34
CA ALA A 56 3.89 -15.73 -12.77
C ALA A 56 4.06 -16.04 -11.29
N PRO A 57 5.23 -15.69 -10.73
CA PRO A 57 5.41 -15.87 -9.28
C PRO A 57 4.58 -14.89 -8.46
N LEU A 58 4.65 -15.02 -7.14
CA LEU A 58 4.07 -14.06 -6.20
C LEU A 58 5.23 -13.38 -5.51
N GLN A 59 5.60 -12.20 -5.98
CA GLN A 59 6.72 -11.46 -5.39
C GLN A 59 6.23 -10.77 -4.13
N LEU A 60 6.68 -11.27 -2.98
CA LEU A 60 6.30 -10.65 -1.71
C LEU A 60 6.98 -9.31 -1.52
N GLY A 61 8.22 -9.19 -1.99
CA GLY A 61 8.95 -7.95 -1.81
C GLY A 61 9.33 -7.73 -0.36
N ASN A 62 8.97 -6.56 0.17
CA ASN A 62 9.35 -6.20 1.53
C ASN A 62 8.73 -7.12 2.57
N CYS A 63 7.63 -7.78 2.25
CA CYS A 63 6.85 -8.50 3.23
C CYS A 63 7.38 -9.92 3.44
N SER A 64 7.18 -10.42 4.66
CA SER A 64 7.39 -11.82 4.95
C SER A 64 6.10 -12.59 4.66
N VAL A 65 6.20 -13.92 4.70
CA VAL A 65 5.00 -14.73 4.55
C VAL A 65 4.08 -14.55 5.76
N ALA A 66 4.65 -14.17 6.91
CA ALA A 66 3.82 -13.88 8.07
C ALA A 66 2.97 -12.62 7.84
N GLY A 67 3.60 -11.55 7.37
CA GLY A 67 2.85 -10.34 7.07
C GLY A 67 1.94 -10.49 5.87
N TRP A 68 2.18 -11.49 5.03
CA TRP A 68 1.34 -11.73 3.87
C TRP A 68 -0.04 -12.21 4.28
N ILE A 69 -0.10 -13.31 5.01
CA ILE A 69 -1.38 -13.95 5.33
C ILE A 69 -2.22 -13.07 6.24
N LEU A 70 -1.60 -12.43 7.24
CA LEU A 70 -2.38 -11.58 8.14
C LEU A 70 -2.67 -10.20 7.57
N GLY A 71 -2.14 -9.88 6.39
CA GLY A 71 -2.35 -8.57 5.83
C GLY A 71 -1.70 -7.48 6.65
N ASN A 72 -0.37 -7.56 6.76
CA ASN A 72 0.40 -6.52 7.42
C ASN A 72 0.21 -5.23 6.65
N PRO A 73 -0.45 -4.21 7.22
CA PRO A 73 -0.97 -3.09 6.42
C PRO A 73 -0.02 -2.48 5.41
N GLU A 74 1.29 -2.68 5.57
CA GLU A 74 2.24 -2.33 4.53
C GLU A 74 2.31 -3.36 3.41
N CYS A 75 1.52 -4.43 3.49
CA CYS A 75 1.50 -5.51 2.52
C CYS A 75 0.20 -5.52 1.72
N GLU A 76 -0.54 -4.40 1.69
CA GLU A 76 -1.92 -4.46 1.24
C GLU A 76 -2.03 -4.82 -0.24
N LEU A 77 -1.19 -4.24 -1.09
CA LEU A 77 -1.41 -4.37 -2.53
C LEU A 77 -1.11 -5.77 -3.05
N LEU A 78 -0.37 -6.60 -2.31
CA LEU A 78 -0.14 -7.98 -2.71
C LEU A 78 -1.25 -8.92 -2.26
N ILE A 79 -2.42 -8.38 -1.94
CA ILE A 79 -3.59 -9.18 -1.65
C ILE A 79 -4.39 -9.27 -2.95
N SER A 80 -5.32 -10.22 -3.01
CA SER A 80 -6.10 -10.56 -4.20
C SER A 80 -5.24 -11.12 -5.32
N ARG A 81 -3.92 -11.26 -5.14
CA ARG A 81 -3.07 -12.03 -6.05
C ARG A 81 -3.14 -13.48 -5.58
N GLU A 82 -4.15 -14.20 -6.07
CA GLU A 82 -4.42 -15.57 -5.66
C GLU A 82 -3.88 -16.60 -6.64
N SER A 83 -3.48 -16.18 -7.84
CA SER A 83 -2.91 -17.06 -8.85
C SER A 83 -1.42 -16.83 -8.92
N TRP A 84 -0.64 -17.88 -8.65
CA TRP A 84 0.81 -17.77 -8.67
C TRP A 84 1.42 -19.15 -8.87
N SER A 85 2.73 -19.15 -9.14
CA SER A 85 3.49 -20.37 -9.36
C SER A 85 4.48 -20.66 -8.25
N TYR A 86 4.94 -19.63 -7.56
CA TYR A 86 5.84 -19.77 -6.43
C TYR A 86 6.03 -18.41 -5.78
N ILE A 87 6.41 -18.39 -4.53
CA ILE A 87 6.43 -17.17 -3.73
C ILE A 87 7.88 -16.85 -3.42
N VAL A 88 8.25 -15.59 -3.64
CA VAL A 88 9.61 -15.07 -3.50
C VAL A 88 9.60 -14.06 -2.36
N GLU A 89 10.44 -14.31 -1.37
CA GLU A 89 10.54 -13.49 -0.16
C GLU A 89 11.90 -12.81 -0.13
N LYS A 90 11.96 -11.60 0.39
CA LYS A 90 13.26 -10.99 0.60
C LYS A 90 13.96 -11.71 1.76
N PRO A 91 15.29 -11.88 1.68
CA PRO A 91 15.97 -12.69 2.71
C PRO A 91 15.76 -12.18 4.12
N ASN A 92 15.85 -10.86 4.32
CA ASN A 92 15.49 -10.22 5.59
C ASN A 92 14.24 -9.39 5.36
N PRO A 93 13.05 -9.97 5.53
CA PRO A 93 11.83 -9.18 5.36
C PRO A 93 11.64 -8.24 6.54
N GLU A 94 11.56 -6.94 6.24
CA GLU A 94 11.42 -5.93 7.28
C GLU A 94 9.96 -5.56 7.54
N ASN A 95 9.02 -6.28 6.92
CA ASN A 95 7.60 -6.23 7.28
C ASN A 95 7.13 -7.65 7.56
N GLY A 96 7.35 -8.09 8.79
CA GLY A 96 6.87 -9.38 9.24
C GLY A 96 5.54 -9.23 9.93
N THR A 97 5.50 -9.58 11.21
CA THR A 97 4.31 -9.37 12.04
C THR A 97 4.37 -7.97 12.63
N CYS A 98 3.39 -7.14 12.29
CA CYS A 98 3.39 -5.77 12.80
C CYS A 98 3.22 -5.75 14.30
N TYR A 99 2.42 -6.64 14.83
CA TYR A 99 2.23 -6.72 16.27
C TYR A 99 3.22 -7.71 16.87
N PRO A 100 4.03 -7.30 17.85
CA PRO A 100 5.00 -8.22 18.44
C PRO A 100 4.33 -9.40 19.14
N GLY A 101 4.98 -10.55 19.07
CA GLY A 101 4.46 -11.74 19.70
C GLY A 101 5.01 -12.98 19.02
N HIS A 102 4.44 -14.12 19.41
CA HIS A 102 4.88 -15.41 18.91
C HIS A 102 3.89 -15.94 17.88
N PHE A 103 4.44 -16.48 16.78
CA PHE A 103 3.66 -17.06 15.69
C PHE A 103 3.81 -18.58 15.79
N ALA A 104 2.82 -19.24 16.38
CA ALA A 104 2.91 -20.66 16.64
C ALA A 104 2.93 -21.45 15.34
N ASP A 105 3.84 -22.43 15.25
CA ASP A 105 3.96 -23.31 14.10
C ASP A 105 4.12 -22.53 12.80
N TYR A 106 4.99 -21.53 12.85
CA TYR A 106 5.26 -20.71 11.68
C TYR A 106 5.76 -21.54 10.51
N GLU A 107 6.70 -22.46 10.79
CA GLU A 107 7.40 -23.15 9.70
C GLU A 107 6.49 -24.11 8.95
N GLU A 108 5.57 -24.78 9.66
CA GLU A 108 4.64 -25.67 8.99
C GLU A 108 3.71 -24.90 8.08
N LEU A 109 3.08 -23.85 8.60
CA LEU A 109 2.25 -22.98 7.77
C LEU A 109 3.05 -22.41 6.61
N ARG A 110 4.34 -22.13 6.83
CA ARG A 110 5.23 -21.77 5.75
C ARG A 110 5.36 -22.91 4.74
N GLU A 111 5.46 -24.16 5.23
CA GLU A 111 5.56 -25.31 4.35
C GLU A 111 4.22 -25.65 3.70
N GLN A 112 3.13 -25.58 4.45
CA GLN A 112 1.82 -25.82 3.86
C GLN A 112 1.53 -24.81 2.77
N LEU A 113 1.92 -23.55 2.97
CA LEU A 113 1.77 -22.53 1.95
C LEU A 113 2.95 -22.53 0.99
N SER A 114 3.31 -23.72 0.52
CA SER A 114 4.30 -23.87 -0.53
C SER A 114 3.73 -24.81 -1.57
N SER A 115 2.89 -25.73 -1.13
CA SER A 115 2.13 -26.57 -2.06
C SER A 115 0.96 -25.82 -2.67
N VAL A 116 0.34 -24.91 -1.91
CA VAL A 116 -0.88 -24.25 -2.35
C VAL A 116 -0.64 -23.48 -3.64
N SER A 117 -1.65 -23.46 -4.50
CA SER A 117 -1.63 -22.68 -5.73
C SER A 117 -2.80 -21.72 -5.87
N SER A 118 -3.89 -21.92 -5.14
CA SER A 118 -5.05 -21.05 -5.21
C SER A 118 -5.53 -20.69 -3.81
N PHE A 119 -5.83 -19.41 -3.60
CA PHE A 119 -6.65 -18.98 -2.49
C PHE A 119 -8.05 -18.62 -2.95
N GLU A 120 -8.93 -18.49 -1.97
CA GLU A 120 -10.16 -17.71 -2.08
C GLU A 120 -10.22 -16.92 -0.77
N ARG A 121 -9.69 -15.71 -0.77
CA ARG A 121 -9.85 -14.86 0.39
C ARG A 121 -11.34 -14.57 0.57
N PHE A 122 -11.94 -15.14 1.61
CA PHE A 122 -13.35 -14.96 1.87
C PHE A 122 -13.53 -14.51 3.32
N GLU A 123 -14.63 -13.81 3.56
CA GLU A 123 -14.94 -13.24 4.88
C GLU A 123 -15.60 -14.33 5.71
N ILE A 124 -14.81 -15.01 6.55
CA ILE A 124 -15.35 -16.11 7.35
C ILE A 124 -16.35 -15.60 8.37
N PHE A 125 -16.05 -14.49 9.04
CA PHE A 125 -16.93 -13.90 10.04
C PHE A 125 -17.14 -12.44 9.66
N PRO A 126 -18.17 -12.14 8.86
CA PRO A 126 -18.40 -10.76 8.44
C PRO A 126 -18.61 -9.85 9.66
N LYS A 127 -17.95 -8.70 9.65
CA LYS A 127 -17.97 -7.84 10.84
C LYS A 127 -19.38 -7.32 11.12
N GLU A 128 -20.12 -6.97 10.07
CA GLU A 128 -21.40 -6.30 10.27
C GLU A 128 -22.38 -7.20 11.02
N SER A 129 -22.42 -8.49 10.68
CA SER A 129 -23.47 -9.38 11.15
C SER A 129 -22.96 -10.47 12.08
N SER A 130 -21.69 -10.45 12.47
CA SER A 130 -21.16 -11.50 13.34
C SER A 130 -20.57 -10.98 14.65
N TRP A 131 -20.21 -9.72 14.75
CA TRP A 131 -19.72 -9.13 16.00
C TRP A 131 -20.50 -7.85 16.32
N PRO A 132 -21.83 -7.95 16.45
CA PRO A 132 -22.65 -6.73 16.65
C PRO A 132 -22.44 -6.10 18.01
N ASN A 133 -22.60 -6.93 19.05
CA ASN A 133 -22.53 -6.47 20.42
C ASN A 133 -21.15 -5.91 20.78
N HIS A 134 -20.12 -6.27 20.03
CA HIS A 134 -18.74 -5.96 20.37
C HIS A 134 -18.20 -4.86 19.47
N THR A 135 -16.97 -4.44 19.75
CA THR A 135 -16.31 -3.36 19.02
C THR A 135 -15.31 -3.95 18.04
N THR A 136 -15.59 -3.77 16.76
CA THR A 136 -14.70 -4.20 15.68
C THR A 136 -13.63 -3.16 15.37
N THR A 137 -13.58 -2.08 16.14
CA THR A 137 -12.69 -0.96 15.83
C THR A 137 -11.43 -1.07 16.69
N GLY A 138 -10.61 -2.04 16.35
CA GLY A 138 -9.35 -2.24 17.02
C GLY A 138 -8.16 -1.88 16.16
N VAL A 139 -7.43 -0.83 16.55
CA VAL A 139 -6.34 -0.29 15.75
C VAL A 139 -5.11 -0.11 16.65
N SER A 140 -3.95 -0.51 16.13
CA SER A 140 -2.68 -0.32 16.83
C SER A 140 -1.85 0.76 16.14
N ALA A 141 -1.02 1.43 16.93
CA ALA A 141 -0.10 2.41 16.37
C ALA A 141 1.10 1.74 15.72
N SER A 142 1.45 0.53 16.15
CA SER A 142 2.61 -0.15 15.58
C SER A 142 2.37 -0.53 14.13
N CYS A 143 1.13 -0.91 13.80
CA CYS A 143 0.79 -1.29 12.43
C CYS A 143 0.36 -0.05 11.65
N SER A 144 1.35 0.82 11.40
CA SER A 144 1.11 2.08 10.74
C SER A 144 1.04 1.89 9.23
N HIS A 145 0.37 2.84 8.57
CA HIS A 145 0.27 2.84 7.10
C HIS A 145 -0.07 4.26 6.67
N ASN A 146 0.79 4.84 5.83
CA ASN A 146 0.68 6.25 5.42
C ASN A 146 0.77 7.19 6.61
N GLY A 147 1.58 6.84 7.60
CA GLY A 147 1.60 7.61 8.83
C GLY A 147 0.25 7.63 9.51
N GLU A 148 -0.44 6.51 9.50
CA GLU A 148 -1.78 6.39 10.06
C GLU A 148 -1.92 5.04 10.73
N SER A 149 -2.51 5.03 11.92
CA SER A 149 -2.68 3.77 12.66
C SER A 149 -3.59 2.83 11.88
N SER A 150 -3.17 1.57 11.76
CA SER A 150 -3.97 0.54 11.10
C SER A 150 -3.79 -0.76 11.86
N PHE A 151 -4.36 -1.82 11.32
CA PHE A 151 -4.30 -3.13 11.96
C PHE A 151 -4.33 -4.20 10.87
N TYR A 152 -4.21 -5.45 11.29
CA TYR A 152 -4.25 -6.57 10.35
C TYR A 152 -5.54 -6.55 9.57
N LYS A 153 -5.44 -6.71 8.25
CA LYS A 153 -6.59 -6.68 7.37
C LYS A 153 -7.14 -8.08 7.11
N ASN A 154 -6.82 -9.04 7.98
CA ASN A 154 -7.43 -10.35 7.96
C ASN A 154 -7.99 -10.77 9.32
N LEU A 155 -7.71 -10.02 10.37
CA LEU A 155 -8.24 -10.26 11.71
C LEU A 155 -8.98 -9.02 12.19
N LEU A 156 -9.64 -9.16 13.34
CA LEU A 156 -10.40 -8.07 13.95
C LEU A 156 -10.08 -8.02 15.44
N TRP A 157 -9.58 -6.88 15.90
CA TRP A 157 -9.31 -6.68 17.32
C TRP A 157 -10.64 -6.39 18.01
N LEU A 158 -11.18 -7.41 18.69
CA LEU A 158 -12.48 -7.29 19.35
C LEU A 158 -12.29 -6.75 20.75
N THR A 159 -12.70 -5.50 20.96
CA THR A 159 -12.77 -4.89 22.27
C THR A 159 -14.23 -4.79 22.68
N GLY A 160 -14.49 -4.15 23.81
CA GLY A 160 -15.83 -4.06 24.35
C GLY A 160 -16.58 -2.82 23.87
N LYS A 161 -17.91 -2.94 23.82
CA LYS A 161 -18.79 -1.84 23.45
C LYS A 161 -19.76 -1.57 24.60
N ASN A 162 -20.00 -0.28 24.87
CA ASN A 162 -20.87 0.15 25.96
C ASN A 162 -20.41 -0.41 27.31
N GLY A 163 -19.09 -0.53 27.48
CA GLY A 163 -18.51 -1.03 28.70
C GLY A 163 -18.59 -2.53 28.90
N LEU A 164 -19.41 -3.23 28.13
CA LEU A 164 -19.60 -4.67 28.27
C LEU A 164 -18.80 -5.41 27.21
N TYR A 165 -18.67 -6.72 27.42
CA TYR A 165 -18.02 -7.58 26.43
C TYR A 165 -18.54 -9.01 26.64
N PRO A 166 -19.77 -9.29 26.20
CA PRO A 166 -20.41 -10.57 26.54
C PRO A 166 -19.68 -11.77 25.93
N ASN A 167 -20.06 -12.95 26.42
CA ASN A 167 -19.51 -14.20 25.92
C ASN A 167 -19.97 -14.43 24.48
N LEU A 168 -19.03 -14.34 23.55
CA LEU A 168 -19.30 -14.60 22.14
C LEU A 168 -19.12 -16.08 21.84
N SER A 169 -19.99 -16.63 21.00
CA SER A 169 -19.96 -18.05 20.67
C SER A 169 -20.27 -18.30 19.19
N LYS A 170 -19.65 -17.53 18.31
CA LYS A 170 -19.86 -17.73 16.88
C LYS A 170 -19.18 -19.02 16.42
N SER A 171 -19.56 -19.46 15.21
CA SER A 171 -19.03 -20.69 14.63
C SER A 171 -19.13 -20.62 13.12
N TYR A 172 -18.25 -21.37 12.45
CA TYR A 172 -18.22 -21.44 10.99
C TYR A 172 -18.23 -22.89 10.54
N ALA A 173 -19.14 -23.21 9.62
CA ALA A 173 -19.19 -24.51 8.99
C ALA A 173 -18.48 -24.44 7.65
N ASN A 174 -17.62 -25.42 7.36
CA ASN A 174 -16.82 -25.42 6.14
C ASN A 174 -17.65 -25.94 4.98
N ASN A 175 -18.47 -25.06 4.43
CA ASN A 175 -19.32 -25.37 3.28
C ASN A 175 -18.65 -25.03 1.95
N LYS A 176 -17.33 -24.89 1.94
CA LYS A 176 -16.61 -24.41 0.76
C LYS A 176 -15.98 -25.55 -0.04
N GLU A 177 -16.22 -26.81 0.34
CA GLU A 177 -15.85 -28.01 -0.38
C GLU A 177 -14.34 -28.22 -0.47
N LYS A 178 -13.52 -27.35 0.10
CA LYS A 178 -12.08 -27.47 0.07
C LYS A 178 -11.53 -27.11 1.44
N GLU A 179 -10.27 -27.42 1.67
CA GLU A 179 -9.63 -27.08 2.93
C GLU A 179 -9.58 -25.56 3.10
N VAL A 180 -9.96 -25.09 4.28
CA VAL A 180 -9.88 -23.68 4.61
C VAL A 180 -8.86 -23.51 5.74
N LEU A 181 -8.19 -22.37 5.73
CA LEU A 181 -7.12 -22.07 6.67
C LEU A 181 -7.54 -20.89 7.52
N VAL A 182 -7.84 -21.14 8.79
CA VAL A 182 -8.35 -20.11 9.69
C VAL A 182 -7.21 -19.58 10.55
N LEU A 183 -7.23 -18.28 10.81
CA LEU A 183 -6.18 -17.60 11.56
C LEU A 183 -6.80 -16.74 12.63
N TRP A 184 -6.27 -16.79 13.85
CA TRP A 184 -6.77 -15.97 14.95
C TRP A 184 -5.60 -15.56 15.83
N GLY A 185 -5.88 -14.77 16.86
CA GLY A 185 -4.85 -14.29 17.76
C GLY A 185 -5.38 -14.10 19.16
N VAL A 186 -4.52 -14.34 20.14
CA VAL A 186 -4.84 -14.22 21.56
C VAL A 186 -4.04 -13.07 22.15
N HIS A 187 -4.68 -12.24 22.97
CA HIS A 187 -4.09 -11.01 23.46
C HIS A 187 -3.55 -11.17 24.87
N HIS A 188 -2.41 -10.51 25.11
CA HIS A 188 -1.80 -10.45 26.44
C HIS A 188 -1.46 -8.99 26.72
N PRO A 189 -2.36 -8.26 27.37
CA PRO A 189 -2.18 -6.81 27.54
C PRO A 189 -0.95 -6.49 28.36
N PRO A 190 -0.40 -5.28 28.21
CA PRO A 190 0.83 -4.93 28.94
C PRO A 190 0.71 -5.04 30.45
N ASN A 191 -0.25 -4.33 31.04
CA ASN A 191 -0.51 -4.42 32.48
C ASN A 191 -1.98 -4.74 32.70
N ILE A 192 -2.29 -5.10 33.95
CA ILE A 192 -3.66 -5.46 34.31
C ILE A 192 -4.60 -4.28 34.09
N GLY A 193 -4.08 -3.06 34.14
CA GLY A 193 -4.91 -1.89 33.93
C GLY A 193 -5.56 -1.87 32.56
N ASP A 194 -4.77 -2.09 31.51
CA ASP A 194 -5.34 -2.13 30.17
C ASP A 194 -6.23 -3.34 29.95
N GLN A 195 -5.94 -4.45 30.65
CA GLN A 195 -6.81 -5.62 30.55
C GLN A 195 -8.22 -5.30 31.05
N ARG A 196 -8.32 -4.53 32.13
CA ARG A 196 -9.63 -4.12 32.63
C ARG A 196 -10.32 -3.17 31.65
N ALA A 197 -9.56 -2.40 30.88
CA ALA A 197 -10.13 -1.39 30.01
C ALA A 197 -10.52 -1.92 28.63
N LEU A 198 -9.87 -2.97 28.15
CA LEU A 198 -10.16 -3.49 26.81
C LEU A 198 -11.26 -4.54 26.82
N TYR A 199 -11.31 -5.38 27.86
CA TYR A 199 -12.21 -6.53 27.88
C TYR A 199 -13.02 -6.67 29.16
N HIS A 200 -12.65 -6.00 30.25
CA HIS A 200 -13.43 -5.95 31.49
C HIS A 200 -13.61 -7.35 32.09
N THR A 201 -12.51 -8.10 32.18
CA THR A 201 -12.53 -9.39 32.88
C THR A 201 -11.10 -9.80 33.17
N GLU A 202 -10.80 -10.03 34.46
CA GLU A 202 -9.48 -10.49 34.84
C GLU A 202 -9.30 -12.00 34.69
N ASN A 203 -10.39 -12.73 34.43
CA ASN A 203 -10.35 -14.18 34.25
C ASN A 203 -10.84 -14.46 32.83
N ALA A 204 -9.92 -14.37 31.86
CA ALA A 204 -10.29 -14.46 30.46
C ALA A 204 -9.92 -15.82 29.90
N TYR A 205 -10.66 -16.24 28.86
CA TYR A 205 -10.41 -17.50 28.20
C TYR A 205 -10.78 -17.38 26.73
N VAL A 206 -10.06 -18.10 25.88
CA VAL A 206 -10.39 -18.22 24.47
C VAL A 206 -10.21 -19.68 24.08
N SER A 207 -11.28 -20.32 23.62
CA SER A 207 -11.20 -21.68 23.14
C SER A 207 -11.59 -21.72 21.68
N VAL A 208 -10.86 -22.50 20.90
CA VAL A 208 -11.16 -22.77 19.50
C VAL A 208 -11.19 -24.28 19.32
N VAL A 209 -12.35 -24.80 18.93
CA VAL A 209 -12.61 -26.24 18.94
C VAL A 209 -13.18 -26.66 17.60
N SER A 210 -12.70 -27.79 17.10
CA SER A 210 -13.18 -28.39 15.86
C SER A 210 -13.18 -29.91 16.02
N SER A 211 -13.57 -30.61 14.96
CA SER A 211 -13.51 -32.06 14.97
C SER A 211 -12.08 -32.59 14.95
N HIS A 212 -11.10 -31.73 14.69
CA HIS A 212 -9.70 -32.15 14.67
C HIS A 212 -8.79 -31.13 15.35
N TYR A 213 -9.33 -30.28 16.24
CA TYR A 213 -8.52 -29.28 16.93
C TYR A 213 -9.26 -28.82 18.18
N SER A 214 -8.51 -28.70 19.28
CA SER A 214 -9.05 -28.17 20.53
C SER A 214 -7.90 -27.64 21.36
N ARG A 215 -7.86 -26.33 21.56
CA ARG A 215 -6.84 -25.71 22.41
C ARG A 215 -7.44 -24.48 23.07
N LYS A 216 -7.54 -24.51 24.39
CA LYS A 216 -8.07 -23.38 25.16
C LYS A 216 -6.91 -22.49 25.58
N PHE A 217 -7.09 -21.19 25.38
CA PHE A 217 -6.04 -20.20 25.63
C PHE A 217 -6.39 -19.41 26.88
N THR A 218 -5.43 -19.34 27.81
CA THR A 218 -5.56 -18.43 28.93
C THR A 218 -4.51 -17.34 28.80
N PRO A 219 -4.89 -16.07 28.97
CA PRO A 219 -3.93 -14.99 28.85
C PRO A 219 -3.16 -14.78 30.14
N GLU A 220 -2.03 -14.10 30.00
CA GLU A 220 -1.04 -14.02 31.08
C GLU A 220 -0.42 -12.63 31.06
N ILE A 221 -0.94 -11.76 31.91
CA ILE A 221 -0.61 -10.33 31.88
C ILE A 221 0.58 -10.09 32.79
N ALA A 222 1.64 -9.50 32.25
CA ALA A 222 2.85 -9.25 33.01
C ALA A 222 3.66 -8.17 32.31
N LYS A 223 4.63 -7.63 33.05
CA LYS A 223 5.61 -6.72 32.44
C LYS A 223 6.41 -7.47 31.39
N ARG A 224 6.71 -6.79 30.30
CA ARG A 224 7.50 -7.34 29.19
C ARG A 224 8.41 -6.27 28.63
N PRO A 225 9.53 -6.67 28.03
CA PRO A 225 10.33 -5.70 27.27
C PRO A 225 9.53 -5.14 26.11
N LYS A 226 9.74 -3.85 25.84
CA LYS A 226 9.00 -3.19 24.78
C LYS A 226 9.57 -3.57 23.42
N VAL A 227 8.69 -3.96 22.50
CA VAL A 227 9.04 -4.25 21.12
C VAL A 227 8.05 -3.53 20.22
N ARG A 228 8.58 -2.78 19.24
CA ARG A 228 7.76 -2.01 18.30
C ARG A 228 6.84 -1.04 19.05
N ASP A 229 7.27 -0.62 20.24
CA ASP A 229 6.63 0.34 21.14
C ASP A 229 5.39 -0.21 21.83
N ARG A 230 4.95 -1.43 21.52
CA ARG A 230 3.80 -2.02 22.19
C ARG A 230 4.28 -3.13 23.11
N GLU A 231 4.19 -2.89 24.42
CA GLU A 231 4.69 -3.84 25.41
C GLU A 231 3.93 -5.16 25.34
N GLY A 232 2.60 -5.10 25.42
CA GLY A 232 1.82 -6.32 25.37
C GLY A 232 1.95 -7.02 24.04
N ARG A 233 1.82 -8.35 24.07
CA ARG A 233 2.07 -9.16 22.89
C ARG A 233 0.80 -9.89 22.46
N ILE A 234 0.75 -10.16 21.16
CA ILE A 234 -0.32 -10.95 20.55
C ILE A 234 0.29 -12.25 20.06
N ASN A 235 -0.40 -13.35 20.30
CA ASN A 235 0.08 -14.67 19.88
C ASN A 235 -0.84 -15.20 18.79
N TYR A 236 -0.24 -15.64 17.69
CA TYR A 236 -0.97 -16.06 16.52
C TYR A 236 -1.07 -17.59 16.48
N TYR A 237 -2.24 -18.07 16.09
CA TYR A 237 -2.49 -19.51 15.96
C TYR A 237 -3.31 -19.74 14.70
N TRP A 238 -3.23 -20.97 14.17
CA TRP A 238 -3.90 -21.30 12.92
C TRP A 238 -4.26 -22.78 12.91
N THR A 239 -5.20 -23.13 12.04
CA THR A 239 -5.65 -24.50 11.88
C THR A 239 -6.26 -24.65 10.50
N LEU A 240 -6.09 -25.84 9.92
CA LEU A 240 -6.68 -26.17 8.63
C LEU A 240 -7.93 -27.00 8.87
N LEU A 241 -9.10 -26.43 8.56
CA LEU A 241 -10.35 -27.16 8.71
C LEU A 241 -10.54 -28.13 7.57
N GLU A 242 -10.82 -29.39 7.91
CA GLU A 242 -11.20 -30.36 6.91
C GLU A 242 -12.55 -29.94 6.30
N PRO A 243 -12.76 -30.20 5.01
CA PRO A 243 -14.07 -29.92 4.42
C PRO A 243 -15.17 -30.66 5.17
N GLY A 244 -16.14 -29.90 5.67
CA GLY A 244 -17.30 -30.45 6.33
C GLY A 244 -17.32 -30.31 7.84
N ASP A 245 -16.20 -30.01 8.47
CA ASP A 245 -16.21 -29.82 9.91
C ASP A 245 -16.52 -28.37 10.27
N THR A 246 -16.83 -28.15 11.54
CA THR A 246 -17.14 -26.82 12.05
C THR A 246 -16.13 -26.43 13.11
N ILE A 247 -15.59 -25.23 12.99
CA ILE A 247 -14.78 -24.64 14.05
C ILE A 247 -15.66 -23.64 14.79
N ILE A 248 -15.58 -23.65 16.13
CA ILE A 248 -16.34 -22.74 16.95
C ILE A 248 -15.36 -21.91 17.77
N PHE A 249 -15.66 -20.62 17.90
CA PHE A 249 -14.88 -19.70 18.70
C PHE A 249 -15.76 -19.20 19.84
N GLU A 250 -15.31 -19.38 21.07
CA GLU A 250 -15.95 -18.74 22.21
C GLU A 250 -14.89 -18.14 23.11
N ALA A 251 -15.22 -16.99 23.70
CA ALA A 251 -14.27 -16.24 24.49
C ALA A 251 -15.03 -15.25 25.36
N ASN A 252 -14.29 -14.64 26.29
CA ASN A 252 -14.80 -13.52 27.07
C ASN A 252 -13.75 -12.42 27.18
N GLY A 253 -12.65 -12.51 26.44
CA GLY A 253 -11.62 -11.51 26.49
C GLY A 253 -10.44 -11.92 25.61
N ASN A 254 -9.68 -10.92 25.21
CA ASN A 254 -8.34 -11.08 24.64
C ASN A 254 -8.33 -11.80 23.29
N LEU A 255 -9.47 -11.94 22.63
CA LEU A 255 -9.55 -12.65 21.37
C LEU A 255 -9.50 -11.65 20.21
N ILE A 256 -8.47 -11.77 19.38
CA ILE A 256 -8.49 -11.17 18.04
C ILE A 256 -9.00 -12.25 17.09
N ALA A 257 -10.26 -12.14 16.71
CA ALA A 257 -10.91 -13.13 15.88
C ALA A 257 -10.54 -12.93 14.41
N PRO A 258 -10.66 -13.98 13.60
CA PRO A 258 -10.53 -13.81 12.16
C PRO A 258 -11.69 -13.03 11.57
N ARG A 259 -11.41 -12.30 10.50
CA ARG A 259 -12.46 -11.83 9.61
C ARG A 259 -12.33 -12.47 8.23
N TYR A 260 -11.14 -12.53 7.68
CA TYR A 260 -10.90 -13.14 6.38
C TYR A 260 -10.10 -14.43 6.57
N ALA A 261 -10.64 -15.53 6.08
CA ALA A 261 -9.96 -16.81 6.05
C ALA A 261 -9.58 -17.15 4.61
N PHE A 262 -8.86 -18.25 4.44
CA PHE A 262 -8.35 -18.65 3.14
C PHE A 262 -8.78 -20.08 2.84
N ALA A 263 -9.75 -20.23 1.94
CA ALA A 263 -10.05 -21.53 1.35
C ALA A 263 -9.05 -21.78 0.24
N LEU A 264 -8.23 -22.82 0.41
CA LEU A 264 -7.07 -23.04 -0.44
C LEU A 264 -7.08 -24.43 -1.04
N SER A 265 -6.57 -24.55 -2.26
CA SER A 265 -6.43 -25.82 -2.96
C SER A 265 -4.96 -26.11 -3.16
N ARG A 266 -4.50 -27.26 -2.65
CA ARG A 266 -3.11 -27.64 -2.81
C ARG A 266 -2.76 -27.92 -4.26
N GLY A 267 -1.49 -27.71 -4.59
CA GLY A 267 -0.91 -28.14 -5.83
C GLY A 267 0.51 -28.57 -5.58
N PHE A 268 1.28 -28.85 -6.63
CA PHE A 268 2.70 -29.14 -6.46
C PHE A 268 3.48 -28.36 -7.51
N GLY A 269 4.69 -27.96 -7.13
CA GLY A 269 5.58 -27.28 -8.05
C GLY A 269 6.05 -25.94 -7.54
N SER A 270 5.46 -25.49 -6.43
CA SER A 270 5.81 -24.19 -5.87
C SER A 270 6.63 -24.36 -4.59
N GLY A 271 7.29 -23.29 -4.20
CA GLY A 271 8.07 -23.26 -2.99
C GLY A 271 8.44 -21.84 -2.65
N ILE A 272 9.37 -21.69 -1.71
CA ILE A 272 9.83 -20.38 -1.27
C ILE A 272 11.28 -20.21 -1.68
N ILE A 273 11.55 -19.26 -2.57
CA ILE A 273 12.88 -18.74 -2.85
C ILE A 273 12.97 -17.35 -2.28
N ASN A 274 14.11 -17.01 -1.72
CA ASN A 274 14.51 -15.65 -1.31
C ASN A 274 15.70 -15.19 -2.15
N SER A 275 15.54 -14.06 -2.84
CA SER A 275 16.58 -13.50 -3.70
C SER A 275 16.17 -12.07 -4.03
N ASN A 276 17.14 -11.32 -4.55
CA ASN A 276 16.95 -9.92 -4.93
C ASN A 276 16.82 -9.74 -6.44
N ALA A 277 16.50 -10.81 -7.16
CA ALA A 277 16.44 -10.74 -8.62
C ALA A 277 15.24 -9.90 -9.07
N PRO A 278 15.32 -9.29 -10.24
CA PRO A 278 14.15 -8.62 -10.82
C PRO A 278 13.34 -9.54 -11.72
N MET A 279 12.08 -9.16 -11.92
CA MET A 279 11.16 -9.91 -12.77
C MET A 279 11.14 -9.30 -14.16
N ASP A 280 11.28 -10.16 -15.19
CA ASP A 280 11.51 -9.63 -16.53
C ASP A 280 10.69 -10.37 -17.59
N GLU A 281 9.68 -11.14 -17.21
CA GLU A 281 8.71 -11.71 -18.14
C GLU A 281 9.40 -12.55 -19.21
N CYS A 282 10.04 -13.62 -18.77
CA CYS A 282 10.96 -14.39 -19.61
C CYS A 282 10.64 -15.87 -19.75
N ASP A 283 9.59 -16.37 -19.09
CA ASP A 283 8.97 -17.66 -19.39
C ASP A 283 9.98 -18.77 -19.70
N ALA A 284 10.86 -19.02 -18.74
CA ALA A 284 11.79 -20.13 -18.83
C ALA A 284 11.23 -21.32 -18.04
N LYS A 285 11.75 -22.50 -18.34
CA LYS A 285 11.14 -23.72 -17.82
C LYS A 285 11.52 -24.03 -16.38
N CYS A 286 12.44 -23.28 -15.77
CA CYS A 286 12.80 -23.57 -14.38
C CYS A 286 13.66 -22.44 -13.83
N GLN A 287 13.43 -22.10 -12.56
CA GLN A 287 13.98 -20.92 -11.90
C GLN A 287 15.00 -21.29 -10.83
N THR A 288 15.89 -20.33 -10.55
CA THR A 288 16.78 -20.33 -9.41
C THR A 288 16.78 -18.94 -8.82
N PRO A 289 17.24 -18.77 -7.57
CA PRO A 289 17.31 -17.41 -7.00
C PRO A 289 18.17 -16.46 -7.81
N GLN A 290 19.16 -16.97 -8.52
CA GLN A 290 20.04 -16.15 -9.33
C GLN A 290 19.70 -16.21 -10.82
N GLY A 291 18.46 -16.53 -11.16
CA GLY A 291 17.99 -16.47 -12.53
C GLY A 291 17.28 -17.74 -12.92
N ALA A 292 17.23 -17.99 -14.22
CA ALA A 292 16.62 -19.18 -14.78
C ALA A 292 17.65 -19.96 -15.58
N ILE A 293 17.38 -21.24 -15.76
CA ILE A 293 18.30 -22.17 -16.41
C ILE A 293 17.90 -22.32 -17.87
N ASN A 294 18.90 -22.43 -18.75
CA ASN A 294 18.63 -22.69 -20.15
C ASN A 294 17.92 -24.03 -20.33
N SER A 295 18.11 -24.94 -19.39
CA SER A 295 17.27 -26.12 -19.10
C SER A 295 17.45 -27.29 -20.03
N SER A 296 18.40 -27.25 -20.98
CA SER A 296 18.52 -28.37 -21.91
C SER A 296 19.43 -29.48 -21.38
N LEU A 297 20.50 -29.12 -20.68
CA LEU A 297 21.49 -30.08 -20.21
C LEU A 297 20.98 -30.85 -19.00
N PRO A 298 21.65 -31.96 -18.64
CA PRO A 298 21.26 -32.72 -17.45
C PRO A 298 22.01 -32.35 -16.18
N PHE A 299 22.91 -31.36 -16.21
CA PHE A 299 23.65 -30.94 -15.03
C PHE A 299 23.74 -29.43 -15.01
N GLN A 300 23.42 -28.83 -13.87
CA GLN A 300 23.61 -27.41 -13.67
C GLN A 300 24.29 -27.16 -12.33
N ASN A 301 25.19 -26.17 -12.30
CA ASN A 301 25.87 -25.79 -11.07
C ASN A 301 25.53 -24.36 -10.65
N VAL A 302 24.48 -23.78 -11.20
CA VAL A 302 24.14 -22.39 -10.93
C VAL A 302 23.80 -22.20 -9.46
N HIS A 303 22.89 -23.04 -8.94
CA HIS A 303 22.44 -22.89 -7.56
C HIS A 303 21.75 -24.18 -7.14
N PRO A 304 21.82 -24.54 -5.85
CA PRO A 304 21.16 -25.78 -5.39
C PRO A 304 19.64 -25.72 -5.44
N VAL A 305 19.05 -24.65 -4.93
CA VAL A 305 17.60 -24.54 -4.86
C VAL A 305 17.04 -24.22 -6.24
N THR A 306 16.03 -24.99 -6.65
CA THR A 306 15.45 -24.88 -7.97
C THR A 306 13.94 -25.06 -7.85
N ILE A 307 13.21 -24.62 -8.88
CA ILE A 307 11.75 -24.81 -8.94
C ILE A 307 11.37 -25.38 -10.30
N GLY A 308 11.25 -26.71 -10.38
CA GLY A 308 10.48 -27.35 -11.44
C GLY A 308 11.21 -27.73 -12.71
N GLU A 309 11.56 -29.02 -12.83
CA GLU A 309 12.08 -29.58 -14.07
C GLU A 309 13.39 -28.88 -14.49
N CYS A 310 14.28 -28.67 -13.51
CA CYS A 310 15.69 -28.37 -13.69
C CYS A 310 16.55 -29.62 -13.72
N PRO A 311 17.79 -29.50 -14.19
CA PRO A 311 18.74 -30.61 -14.06
C PRO A 311 19.26 -30.72 -12.62
N LYS A 312 19.93 -31.84 -12.36
CA LYS A 312 20.53 -32.07 -11.06
C LYS A 312 21.67 -31.08 -10.79
N TYR A 313 21.79 -30.68 -9.53
CA TYR A 313 22.85 -29.76 -9.11
C TYR A 313 24.08 -30.56 -8.69
N VAL A 314 25.19 -30.34 -9.39
CA VAL A 314 26.48 -30.91 -9.02
C VAL A 314 27.48 -29.77 -8.89
N ARG A 315 28.18 -29.72 -7.76
CA ARG A 315 29.17 -28.66 -7.52
C ARG A 315 30.48 -29.04 -8.19
N SER A 316 30.47 -28.95 -9.52
CA SER A 316 31.62 -29.27 -10.35
C SER A 316 31.89 -28.11 -11.30
N ALA A 317 33.15 -27.96 -11.70
CA ALA A 317 33.55 -26.83 -12.53
C ALA A 317 33.16 -27.04 -13.99
N LYS A 318 33.53 -28.18 -14.58
CA LYS A 318 33.14 -28.50 -15.94
C LYS A 318 33.09 -30.00 -16.12
N LEU A 319 32.06 -30.47 -16.82
CA LEU A 319 31.89 -31.88 -17.17
C LEU A 319 31.68 -31.95 -18.68
N ARG A 320 32.76 -32.17 -19.43
CA ARG A 320 32.69 -32.35 -20.87
C ARG A 320 32.94 -33.80 -21.22
N MET A 321 32.14 -34.32 -22.13
CA MET A 321 32.24 -35.69 -22.60
C MET A 321 32.85 -35.70 -23.99
N VAL A 322 33.84 -36.57 -24.20
CA VAL A 322 34.44 -36.69 -25.53
C VAL A 322 33.47 -37.44 -26.44
N THR A 323 33.06 -36.78 -27.53
CA THR A 323 32.37 -37.45 -28.61
C THR A 323 33.31 -37.87 -29.74
N GLY A 324 34.32 -37.06 -30.02
CA GLY A 324 35.29 -37.38 -31.06
C GLY A 324 36.49 -38.15 -30.55
N LEU A 325 37.69 -37.77 -31.01
CA LEU A 325 38.91 -38.47 -30.67
C LEU A 325 40.05 -37.45 -30.53
N ARG A 326 41.25 -37.96 -30.24
CA ARG A 326 42.38 -37.08 -29.98
C ARG A 326 42.70 -36.24 -31.21
N ASN A 327 42.83 -34.93 -31.01
CA ASN A 327 43.08 -33.99 -32.09
C ASN A 327 44.59 -33.76 -32.21
N ILE A 328 45.18 -34.27 -33.28
CA ILE A 328 46.60 -34.03 -33.56
C ILE A 328 46.75 -33.59 -35.01
N PRO A 329 46.78 -32.29 -35.28
CA PRO A 329 46.93 -31.82 -36.67
C PRO A 329 48.39 -31.70 -37.09
N SER A 330 48.62 -31.21 -38.30
CA SER A 330 49.97 -30.98 -38.80
C SER A 330 50.68 -29.91 -38.00
N GLY B 1 46.93 -44.87 -28.43
CA GLY B 1 46.58 -44.92 -27.02
C GLY B 1 46.70 -46.31 -26.42
N LEU B 2 45.61 -47.07 -26.47
CA LEU B 2 45.57 -48.41 -25.92
C LEU B 2 45.82 -49.49 -26.97
N PHE B 3 45.34 -49.29 -28.19
CA PHE B 3 45.59 -50.23 -29.28
C PHE B 3 46.76 -49.80 -30.15
N GLY B 4 47.44 -48.71 -29.80
CA GLY B 4 48.64 -48.29 -30.49
C GLY B 4 48.44 -47.52 -31.77
N ALA B 5 47.19 -47.29 -32.18
CA ALA B 5 46.92 -46.62 -33.45
C ALA B 5 46.77 -45.11 -33.28
N ILE B 6 45.80 -44.69 -32.49
CA ILE B 6 45.62 -43.26 -32.24
C ILE B 6 46.82 -42.73 -31.46
N ALA B 7 47.47 -41.71 -32.02
CA ALA B 7 48.69 -41.12 -31.46
C ALA B 7 49.82 -42.13 -31.30
N GLY B 8 49.71 -43.28 -31.97
CA GLY B 8 50.73 -44.30 -31.92
C GLY B 8 51.48 -44.42 -33.23
N PHE B 9 51.27 -45.52 -33.96
CA PHE B 9 51.88 -45.65 -35.28
C PHE B 9 51.09 -44.92 -36.36
N ILE B 10 50.02 -44.21 -36.00
CA ILE B 10 49.47 -43.20 -36.87
C ILE B 10 49.76 -41.87 -36.18
N GLU B 11 50.89 -41.26 -36.53
CA GLU B 11 51.49 -40.23 -35.68
C GLU B 11 50.59 -39.00 -35.55
N GLY B 12 49.85 -38.65 -36.59
CA GLY B 12 49.02 -37.46 -36.55
C GLY B 12 47.73 -37.65 -37.31
N GLY B 13 46.83 -36.68 -37.13
CA GLY B 13 45.56 -36.67 -37.81
C GLY B 13 45.60 -35.82 -39.06
N TRP B 14 44.75 -36.17 -40.03
CA TRP B 14 44.69 -35.44 -41.28
C TRP B 14 43.77 -34.23 -41.12
N THR B 15 44.32 -33.04 -41.36
CA THR B 15 43.51 -31.83 -41.30
C THR B 15 42.40 -31.83 -42.34
N GLY B 16 42.57 -32.57 -43.43
CA GLY B 16 41.51 -32.76 -44.40
C GLY B 16 40.59 -33.89 -43.97
N MET B 17 39.88 -34.44 -44.95
CA MET B 17 38.94 -35.54 -44.74
C MET B 17 37.85 -35.14 -43.74
N VAL B 18 37.07 -34.14 -44.14
CA VAL B 18 35.92 -33.71 -43.36
C VAL B 18 34.75 -34.68 -43.49
N ASP B 19 34.83 -35.59 -44.46
CA ASP B 19 33.74 -36.53 -44.70
C ASP B 19 33.40 -37.36 -43.46
N GLY B 20 34.38 -37.63 -42.62
CA GLY B 20 34.12 -38.43 -41.43
C GLY B 20 35.32 -38.51 -40.52
N TRP B 21 35.27 -39.48 -39.61
CA TRP B 21 36.33 -39.69 -38.63
C TRP B 21 37.44 -40.60 -39.14
N TYR B 22 37.10 -41.63 -39.91
CA TYR B 22 38.05 -42.62 -40.40
C TYR B 22 37.99 -42.65 -41.92
N GLY B 23 39.14 -42.87 -42.57
CA GLY B 23 39.14 -42.91 -44.01
C GLY B 23 40.49 -43.28 -44.59
N TYR B 24 40.58 -43.15 -45.91
CA TYR B 24 41.75 -43.52 -46.71
C TYR B 24 42.26 -42.32 -47.50
N HIS B 25 43.42 -42.49 -48.13
CA HIS B 25 44.07 -41.41 -48.87
C HIS B 25 44.20 -41.71 -50.35
N HIS B 26 44.83 -42.82 -50.72
CA HIS B 26 44.95 -43.29 -52.11
C HIS B 26 45.54 -42.22 -53.04
N GLN B 27 46.81 -41.91 -52.77
CA GLN B 27 47.56 -41.07 -53.70
C GLN B 27 47.83 -41.89 -54.96
N ASN B 28 47.09 -41.60 -56.03
CA ASN B 28 47.13 -42.37 -57.26
C ASN B 28 47.83 -41.57 -58.36
N GLU B 29 48.02 -42.24 -59.49
CA GLU B 29 48.53 -41.55 -60.68
C GLU B 29 47.49 -40.60 -61.26
N GLN B 30 46.21 -40.94 -61.14
CA GLN B 30 45.16 -40.10 -61.70
C GLN B 30 44.96 -38.85 -60.85
N GLY B 31 44.76 -39.03 -59.55
CA GLY B 31 44.58 -37.90 -58.66
C GLY B 31 44.50 -38.31 -57.21
N SER B 32 45.15 -37.53 -56.34
CA SER B 32 45.08 -37.77 -54.91
C SER B 32 43.74 -37.27 -54.37
N GLY B 33 43.57 -37.38 -53.06
CA GLY B 33 42.36 -36.89 -52.42
C GLY B 33 42.13 -37.63 -51.11
N TYR B 34 40.93 -37.42 -50.58
CA TYR B 34 40.50 -38.04 -49.34
C TYR B 34 39.15 -38.73 -49.55
N ALA B 35 38.91 -39.78 -48.77
CA ALA B 35 37.66 -40.52 -48.84
C ALA B 35 37.47 -41.26 -47.52
N ALA B 36 36.41 -40.91 -46.78
CA ALA B 36 36.18 -41.48 -45.47
C ALA B 36 35.36 -42.76 -45.56
N ASP B 37 35.72 -43.74 -44.73
CA ASP B 37 35.01 -45.02 -44.67
C ASP B 37 33.64 -44.80 -44.04
N GLN B 38 32.60 -44.80 -44.87
CA GLN B 38 31.24 -44.59 -44.37
C GLN B 38 30.76 -45.74 -43.48
N LYS B 39 31.32 -46.93 -43.63
CA LYS B 39 30.84 -48.08 -42.86
C LYS B 39 31.26 -47.99 -41.41
N SER B 40 32.57 -47.84 -41.16
CA SER B 40 33.08 -47.81 -39.80
C SER B 40 32.80 -46.50 -39.07
N THR B 41 32.62 -45.39 -39.80
CA THR B 41 32.34 -44.14 -39.13
C THR B 41 30.87 -44.02 -38.73
N GLN B 42 29.97 -44.73 -39.42
CA GLN B 42 28.58 -44.74 -39.02
C GLN B 42 28.35 -45.62 -37.79
N ASN B 43 29.12 -46.70 -37.65
CA ASN B 43 29.08 -47.49 -36.43
C ASN B 43 29.58 -46.70 -35.23
N ALA B 44 30.61 -45.87 -35.45
CA ALA B 44 31.19 -45.10 -34.36
C ALA B 44 30.24 -44.01 -33.88
N ILE B 45 29.64 -43.27 -34.81
CA ILE B 45 28.72 -42.21 -34.43
C ILE B 45 27.46 -42.79 -33.80
N ASN B 46 27.01 -43.96 -34.28
CA ASN B 46 25.81 -44.58 -33.72
C ASN B 46 26.06 -45.17 -32.33
N GLY B 47 27.31 -45.44 -31.98
CA GLY B 47 27.62 -46.01 -30.68
C GLY B 47 27.90 -44.95 -29.63
N ILE B 48 28.61 -43.89 -30.02
CA ILE B 48 28.91 -42.81 -29.09
C ILE B 48 27.64 -42.04 -28.74
N THR B 49 26.82 -41.72 -29.76
CA THR B 49 25.58 -41.02 -29.50
C THR B 49 24.57 -41.89 -28.74
N ASN B 50 24.72 -43.22 -28.80
CA ASN B 50 23.92 -44.06 -27.92
C ASN B 50 24.49 -44.07 -26.51
N LYS B 51 25.82 -44.01 -26.37
CA LYS B 51 26.43 -43.82 -25.06
C LYS B 51 25.91 -42.56 -24.40
N VAL B 52 26.01 -41.43 -25.11
CA VAL B 52 25.67 -40.15 -24.51
C VAL B 52 24.19 -40.09 -24.16
N ASN B 53 23.34 -40.55 -25.07
CA ASN B 53 21.90 -40.54 -24.81
C ASN B 53 21.53 -41.53 -23.71
N SER B 54 22.25 -42.64 -23.59
CA SER B 54 22.01 -43.57 -22.49
C SER B 54 22.35 -42.91 -21.15
N VAL B 55 23.42 -42.13 -21.11
CA VAL B 55 23.93 -41.60 -19.85
C VAL B 55 22.95 -40.58 -19.26
N ILE B 56 22.49 -39.61 -20.07
CA ILE B 56 21.59 -38.60 -19.54
C ILE B 56 20.27 -39.22 -19.12
N GLU B 57 19.83 -40.24 -19.86
CA GLU B 57 18.51 -40.85 -19.65
C GLU B 57 18.41 -41.47 -18.27
N LYS B 58 19.52 -41.93 -17.71
CA LYS B 58 19.54 -42.59 -16.41
C LYS B 58 19.47 -41.61 -15.25
N MET B 59 19.27 -40.32 -15.54
CA MET B 59 19.25 -39.26 -14.54
C MET B 59 18.01 -38.40 -14.77
N ASN B 60 16.87 -38.78 -14.19
CA ASN B 60 15.67 -37.98 -14.36
C ASN B 60 15.85 -36.62 -13.70
N THR B 61 15.30 -35.59 -14.33
CA THR B 61 15.45 -34.23 -13.84
C THR B 61 14.77 -34.06 -12.50
N GLN B 62 15.30 -33.15 -11.68
CA GLN B 62 14.77 -32.90 -10.35
C GLN B 62 13.84 -31.69 -10.37
N PHE B 63 12.84 -31.72 -9.49
CA PHE B 63 11.79 -30.71 -9.44
C PHE B 63 11.74 -30.08 -8.06
N THR B 64 11.73 -28.75 -8.05
CA THR B 64 11.27 -27.96 -6.90
C THR B 64 11.95 -28.40 -5.60
N ALA B 65 13.29 -28.39 -5.61
CA ALA B 65 14.06 -28.51 -4.39
C ALA B 65 14.17 -27.13 -3.78
N VAL B 66 13.46 -26.87 -2.69
CA VAL B 66 13.24 -25.50 -2.23
C VAL B 66 14.09 -25.18 -1.02
N GLY B 67 14.30 -26.15 -0.14
CA GLY B 67 15.09 -25.93 1.05
C GLY B 67 14.21 -25.56 2.22
N LYS B 68 14.05 -26.49 3.16
CA LYS B 68 13.21 -26.25 4.31
C LYS B 68 13.87 -25.25 5.26
N GLU B 69 13.04 -24.45 5.93
CA GLU B 69 13.51 -23.45 6.88
C GLU B 69 12.99 -23.82 8.27
N PHE B 70 13.91 -24.00 9.21
CA PHE B 70 13.59 -24.39 10.57
C PHE B 70 13.81 -23.22 11.53
N ASN B 71 13.27 -23.37 12.74
CA ASN B 71 13.22 -22.26 13.68
C ASN B 71 14.46 -22.24 14.57
N LYS B 72 14.41 -21.43 15.63
CA LYS B 72 15.54 -21.18 16.51
C LYS B 72 15.77 -22.28 17.53
N LEU B 73 14.89 -23.28 17.60
CA LEU B 73 14.99 -24.33 18.61
C LEU B 73 15.03 -25.73 17.99
N GLU B 74 15.31 -25.85 16.69
CA GLU B 74 15.30 -27.13 16.01
C GLU B 74 16.63 -27.40 15.31
N ARG B 75 17.74 -26.98 15.94
CA ARG B 75 19.04 -27.05 15.29
C ARG B 75 19.39 -28.49 14.88
N ARG B 76 18.91 -29.48 15.63
CA ARG B 76 19.18 -30.86 15.27
C ARG B 76 18.60 -31.21 13.91
N MET B 77 17.36 -30.79 13.63
CA MET B 77 16.79 -31.07 12.32
C MET B 77 17.50 -30.28 11.23
N GLU B 78 17.83 -29.02 11.48
CA GLU B 78 18.47 -28.20 10.45
C GLU B 78 19.77 -28.82 10.00
N ASN B 79 20.62 -29.21 10.95
CA ASN B 79 21.87 -29.86 10.60
C ASN B 79 21.62 -31.21 9.94
N LEU B 80 20.53 -31.88 10.31
CA LEU B 80 20.15 -33.11 9.62
C LEU B 80 19.78 -32.84 8.16
N ASN B 81 19.00 -31.78 7.92
CA ASN B 81 18.62 -31.44 6.55
C ASN B 81 19.85 -31.11 5.71
N LYS B 82 20.81 -30.37 6.28
CA LYS B 82 22.03 -30.06 5.55
C LYS B 82 22.73 -31.34 5.08
N LYS B 83 22.87 -32.31 5.99
CA LYS B 83 23.58 -33.53 5.63
C LYS B 83 22.84 -34.31 4.55
N VAL B 84 21.50 -34.34 4.60
CA VAL B 84 20.76 -35.08 3.60
C VAL B 84 20.71 -34.35 2.26
N ASP B 85 21.04 -33.06 2.23
CA ASP B 85 21.18 -32.34 0.96
C ASP B 85 22.63 -32.32 0.50
N ASP B 86 23.53 -31.82 1.36
CA ASP B 86 24.94 -31.82 1.02
C ASP B 86 25.46 -33.24 0.80
N GLY B 87 24.86 -34.23 1.48
CA GLY B 87 25.24 -35.61 1.22
C GLY B 87 24.92 -36.05 -0.18
N PHE B 88 23.69 -35.76 -0.64
CA PHE B 88 23.32 -36.11 -2.01
C PHE B 88 24.18 -35.36 -3.02
N ILE B 89 24.43 -34.08 -2.78
CA ILE B 89 25.27 -33.31 -3.69
C ILE B 89 26.68 -33.86 -3.71
N ASP B 90 27.19 -34.31 -2.55
CA ASP B 90 28.50 -34.97 -2.54
C ASP B 90 28.49 -36.23 -3.40
N ILE B 91 27.43 -37.03 -3.32
CA ILE B 91 27.37 -38.25 -4.11
C ILE B 91 27.19 -37.92 -5.59
N TRP B 92 26.18 -37.10 -5.92
CA TRP B 92 25.87 -36.84 -7.32
C TRP B 92 27.03 -36.15 -8.04
N THR B 93 27.71 -35.22 -7.37
CA THR B 93 28.89 -34.60 -7.97
C THR B 93 29.98 -35.62 -8.20
N TYR B 94 30.33 -36.39 -7.16
CA TYR B 94 31.36 -37.42 -7.30
C TYR B 94 30.93 -38.49 -8.31
N ASN B 95 29.66 -38.92 -8.23
CA ASN B 95 29.17 -39.98 -9.09
C ASN B 95 29.04 -39.53 -10.54
N ALA B 96 29.10 -38.23 -10.80
CA ALA B 96 29.07 -37.71 -12.16
C ALA B 96 30.46 -37.45 -12.72
N GLU B 97 31.38 -36.94 -11.90
CA GLU B 97 32.72 -36.62 -12.38
C GLU B 97 33.45 -37.88 -12.86
N LEU B 98 33.36 -38.97 -12.09
CA LEU B 98 34.04 -40.20 -12.48
C LEU B 98 33.40 -40.84 -13.69
N LEU B 99 32.07 -40.74 -13.83
CA LEU B 99 31.43 -41.22 -15.05
C LEU B 99 31.98 -40.52 -16.27
N VAL B 100 32.36 -39.25 -16.13
CA VAL B 100 32.97 -38.51 -17.24
C VAL B 100 34.44 -38.91 -17.40
N LEU B 101 35.20 -38.89 -16.31
CA LEU B 101 36.62 -39.23 -16.40
C LEU B 101 36.84 -40.66 -16.85
N LEU B 102 35.94 -41.59 -16.51
CA LEU B 102 36.11 -42.98 -16.89
C LEU B 102 35.72 -43.20 -18.35
N GLU B 103 34.53 -42.75 -18.74
CA GLU B 103 34.03 -43.06 -20.08
C GLU B 103 34.67 -42.23 -21.17
N ASN B 104 35.36 -41.14 -20.83
CA ASN B 104 36.12 -40.41 -21.83
C ASN B 104 37.28 -41.25 -22.35
N GLU B 105 37.94 -41.99 -21.47
CA GLU B 105 38.98 -42.91 -21.92
C GLU B 105 38.39 -44.00 -22.82
N ARG B 106 37.22 -44.52 -22.43
CA ARG B 106 36.57 -45.55 -23.25
C ARG B 106 36.18 -45.02 -24.62
N THR B 107 35.86 -43.72 -24.73
CA THR B 107 35.62 -43.15 -26.05
C THR B 107 36.91 -43.03 -26.85
N LEU B 108 38.01 -42.62 -26.21
CA LEU B 108 39.29 -42.54 -26.90
C LEU B 108 39.83 -43.92 -27.24
N ASP B 109 39.71 -44.87 -26.30
CA ASP B 109 40.16 -46.24 -26.58
C ASP B 109 39.30 -46.90 -27.65
N PHE B 110 38.01 -46.58 -27.68
CA PHE B 110 37.12 -47.14 -28.70
C PHE B 110 37.51 -46.66 -30.10
N HIS B 111 37.97 -45.40 -30.22
CA HIS B 111 38.49 -44.93 -31.49
C HIS B 111 39.84 -45.58 -31.81
N ASP B 112 40.67 -45.79 -30.78
CA ASP B 112 41.93 -46.49 -30.98
C ASP B 112 41.69 -47.92 -31.44
N SER B 113 40.63 -48.55 -30.92
CA SER B 113 40.29 -49.90 -31.35
C SER B 113 39.83 -49.91 -32.81
N ASN B 114 38.95 -48.99 -33.18
CA ASN B 114 38.34 -49.02 -34.51
C ASN B 114 39.39 -48.84 -35.61
N VAL B 115 40.30 -47.88 -35.44
CA VAL B 115 41.36 -47.68 -36.43
C VAL B 115 42.23 -48.92 -36.53
N LYS B 116 42.61 -49.48 -35.37
CA LYS B 116 43.40 -50.70 -35.36
C LYS B 116 42.64 -51.85 -36.01
N ASN B 117 41.33 -51.93 -35.77
CA ASN B 117 40.52 -52.95 -36.42
C ASN B 117 40.42 -52.71 -37.92
N LEU B 118 40.32 -51.45 -38.34
CA LEU B 118 40.22 -51.14 -39.76
C LEU B 118 41.55 -51.37 -40.47
N TYR B 119 42.66 -51.01 -39.82
CA TYR B 119 43.97 -51.20 -40.43
C TYR B 119 44.26 -52.67 -40.71
N GLU B 120 43.71 -53.57 -39.90
CA GLU B 120 43.92 -55.00 -40.12
C GLU B 120 42.97 -55.56 -41.18
N LYS B 121 41.80 -54.94 -41.35
CA LYS B 121 40.89 -55.36 -42.40
C LYS B 121 41.50 -55.14 -43.78
N VAL B 122 42.19 -54.01 -43.96
CA VAL B 122 42.89 -53.74 -45.21
C VAL B 122 44.05 -54.71 -45.39
N LYS B 123 44.77 -55.01 -44.31
CA LYS B 123 45.90 -55.94 -44.40
C LYS B 123 45.44 -57.33 -44.85
N SER B 124 44.32 -57.81 -44.31
CA SER B 124 43.87 -59.17 -44.62
C SER B 124 43.46 -59.33 -46.08
N GLN B 125 43.18 -58.23 -46.79
CA GLN B 125 42.91 -58.29 -48.22
C GLN B 125 44.18 -58.18 -49.06
N LEU B 126 45.10 -57.31 -48.65
CA LEU B 126 46.32 -57.03 -49.39
C LEU B 126 47.48 -57.86 -48.84
N LYS B 127 47.36 -59.18 -48.96
CA LYS B 127 48.22 -60.10 -48.23
C LYS B 127 49.71 -59.92 -48.52
N ASN B 128 50.14 -60.18 -49.76
CA ASN B 128 51.51 -59.93 -50.17
C ASN B 128 51.58 -59.02 -51.38
N ASN B 129 50.46 -58.42 -51.78
CA ASN B 129 50.43 -57.47 -52.88
C ASN B 129 50.91 -56.08 -52.46
N ALA B 130 51.22 -55.89 -51.19
CA ALA B 130 51.65 -54.59 -50.69
C ALA B 130 52.52 -54.77 -49.45
N LYS B 131 53.21 -53.71 -49.08
CA LYS B 131 54.07 -53.66 -47.91
C LYS B 131 53.63 -52.52 -46.99
N GLU B 132 54.16 -52.54 -45.77
CA GLU B 132 53.88 -51.51 -44.77
C GLU B 132 55.08 -50.59 -44.67
N ILE B 133 54.87 -49.29 -44.94
CA ILE B 133 56.00 -48.37 -45.08
C ILE B 133 55.90 -47.22 -44.09
N GLY B 134 54.88 -46.38 -44.28
CA GLY B 134 54.80 -45.11 -43.61
C GLY B 134 53.94 -45.16 -42.36
N ASN B 135 53.87 -46.34 -41.74
CA ASN B 135 53.12 -46.52 -40.50
C ASN B 135 51.64 -46.16 -40.72
N GLY B 136 50.99 -46.99 -41.53
CA GLY B 136 49.59 -46.82 -41.84
C GLY B 136 49.35 -46.71 -43.32
N CYS B 137 50.38 -47.01 -44.10
CA CYS B 137 50.37 -46.82 -45.54
C CYS B 137 50.77 -48.12 -46.22
N PHE B 138 50.30 -48.31 -47.45
CA PHE B 138 50.60 -49.52 -48.21
C PHE B 138 51.12 -49.14 -49.59
N GLU B 139 52.17 -49.83 -50.04
CA GLU B 139 52.74 -49.63 -51.36
C GLU B 139 52.22 -50.72 -52.29
N PHE B 140 51.48 -50.30 -53.31
CA PHE B 140 50.96 -51.24 -54.29
C PHE B 140 52.10 -51.74 -55.17
N TYR B 141 52.45 -53.01 -55.03
CA TYR B 141 53.42 -53.64 -55.93
C TYR B 141 52.84 -53.91 -57.32
N HIS B 142 51.65 -53.40 -57.67
CA HIS B 142 51.04 -53.70 -58.96
C HIS B 142 50.42 -52.47 -59.62
N LYS B 143 50.67 -51.25 -59.13
CA LYS B 143 50.22 -50.01 -59.76
C LYS B 143 48.69 -49.98 -59.92
N CYS B 144 48.05 -49.88 -58.76
CA CYS B 144 46.60 -49.75 -58.61
C CYS B 144 45.99 -48.61 -59.41
N ASN B 145 44.69 -48.67 -59.66
CA ASN B 145 43.93 -47.68 -60.41
C ASN B 145 42.86 -47.06 -59.50
N ASP B 146 42.30 -45.92 -59.91
CA ASP B 146 41.20 -45.32 -59.15
C ASP B 146 40.03 -46.27 -59.03
N GLU B 147 39.68 -46.96 -60.13
CA GLU B 147 38.77 -48.09 -60.04
C GLU B 147 39.21 -49.06 -58.95
N CYS B 148 40.50 -49.39 -58.92
CA CYS B 148 40.98 -50.29 -57.89
C CYS B 148 41.29 -49.57 -56.58
N MET B 149 41.34 -48.24 -56.55
CA MET B 149 41.42 -47.56 -55.26
C MET B 149 40.08 -47.63 -54.53
N GLU B 150 38.97 -47.43 -55.25
CA GLU B 150 37.68 -47.83 -54.74
C GLU B 150 37.55 -49.35 -54.61
N SER B 151 38.45 -50.10 -55.25
CA SER B 151 38.49 -51.55 -55.15
C SER B 151 39.51 -52.01 -54.12
N VAL B 152 39.63 -51.28 -53.01
CA VAL B 152 40.27 -51.79 -51.81
C VAL B 152 39.38 -51.43 -50.63
N LYS B 153 38.42 -50.53 -50.85
CA LYS B 153 37.65 -49.97 -49.75
C LYS B 153 36.42 -50.81 -49.39
N ASN B 154 35.48 -50.98 -50.33
CA ASN B 154 34.21 -51.64 -50.03
C ASN B 154 34.30 -53.13 -50.36
N GLY B 155 35.32 -53.76 -49.77
CA GLY B 155 35.54 -55.19 -49.92
C GLY B 155 35.74 -55.61 -51.36
N THR B 156 36.31 -54.72 -52.17
CA THR B 156 36.36 -54.91 -53.62
C THR B 156 37.78 -55.17 -54.13
N TYR B 157 38.71 -55.51 -53.26
CA TYR B 157 40.01 -55.99 -53.71
C TYR B 157 40.05 -57.51 -53.63
N ASP B 158 40.74 -58.11 -54.60
CA ASP B 158 41.09 -59.52 -54.56
C ASP B 158 42.54 -59.66 -54.97
N TYR B 159 43.29 -60.47 -54.23
CA TYR B 159 44.66 -60.76 -54.65
C TYR B 159 44.73 -61.42 -56.03
N PRO B 160 43.90 -62.41 -56.40
CA PRO B 160 44.20 -63.19 -57.63
C PRO B 160 44.30 -62.34 -58.89
N LYS B 161 43.47 -61.30 -59.01
CA LYS B 161 43.46 -60.52 -60.25
C LYS B 161 44.81 -59.83 -60.46
N TYR B 162 45.43 -59.37 -59.37
CA TYR B 162 46.72 -58.68 -59.44
C TYR B 162 47.84 -59.47 -58.81
N SER B 163 47.61 -60.73 -58.43
CA SER B 163 48.57 -61.48 -57.63
C SER B 163 49.87 -61.74 -58.38
N GLU B 164 49.77 -62.34 -59.57
CA GLU B 164 50.98 -62.73 -60.29
C GLU B 164 51.80 -61.51 -60.70
N GLU B 165 51.14 -60.40 -61.03
CA GLU B 165 51.86 -59.16 -61.27
C GLU B 165 52.57 -58.69 -60.00
N SER B 166 51.89 -58.78 -58.86
CA SER B 166 52.54 -58.47 -57.59
C SER B 166 53.67 -59.44 -57.29
N LYS B 167 53.46 -60.72 -57.58
CA LYS B 167 54.51 -61.72 -57.39
C LYS B 167 55.76 -61.39 -58.18
N LEU B 168 55.60 -60.73 -59.33
CA LEU B 168 56.74 -60.38 -60.17
C LEU B 168 57.62 -59.33 -59.50
N ASN B 169 57.00 -58.27 -58.98
CA ASN B 169 57.76 -57.13 -58.47
C ASN B 169 58.33 -57.35 -57.08
N ARG B 170 57.86 -58.37 -56.35
CA ARG B 170 58.45 -58.67 -55.05
C ARG B 170 59.85 -59.24 -55.19
N GLU B 171 60.15 -59.87 -56.33
CA GLU B 171 61.42 -60.56 -56.52
C GLU B 171 62.59 -59.63 -56.75
N LYS B 172 62.38 -58.31 -56.75
CA LYS B 172 63.45 -57.35 -57.01
C LYS B 172 63.62 -56.36 -55.86
N ILE B 173 63.15 -56.69 -54.66
CA ILE B 173 63.34 -55.84 -53.49
C ILE B 173 63.79 -56.67 -52.30
N ASP C 3 -22.95 4.19 25.42
CA ASP C 3 -21.53 4.30 25.07
C ASP C 3 -20.83 5.29 25.98
N ILE C 4 -19.56 5.58 25.67
CA ILE C 4 -18.78 6.50 26.48
C ILE C 4 -19.21 7.94 26.24
N VAL C 5 -19.33 8.69 27.32
CA VAL C 5 -19.67 10.11 27.25
C VAL C 5 -18.50 10.91 27.84
N LEU C 6 -18.03 11.89 27.07
CA LEU C 6 -16.90 12.72 27.48
C LEU C 6 -17.47 14.01 28.08
N THR C 7 -17.48 14.08 29.41
CA THR C 7 -17.91 15.28 30.11
C THR C 7 -16.72 16.21 30.29
N GLN C 8 -16.83 17.42 29.76
CA GLN C 8 -15.71 18.33 29.61
C GLN C 8 -15.90 19.55 30.52
N SER C 9 -14.80 19.99 31.14
CA SER C 9 -14.84 21.05 32.15
C SER C 9 -13.66 22.00 32.01
N PRO C 10 -13.89 23.32 32.15
CA PRO C 10 -15.19 23.95 32.32
C PRO C 10 -15.91 24.15 30.99
N ALA C 11 -17.13 24.68 31.01
CA ALA C 11 -17.84 24.94 29.77
C ALA C 11 -17.36 26.24 29.12
N SER C 12 -17.18 27.29 29.92
CA SER C 12 -16.66 28.57 29.44
C SER C 12 -15.41 28.92 30.24
N LEU C 13 -14.43 29.52 29.57
CA LEU C 13 -13.14 29.78 30.20
C LEU C 13 -12.56 31.08 29.66
N ALA C 14 -11.89 31.81 30.54
CA ALA C 14 -11.29 33.10 30.18
C ALA C 14 -9.95 33.24 30.90
N VAL C 15 -8.86 33.32 30.13
CA VAL C 15 -7.51 33.39 30.67
C VAL C 15 -6.78 34.55 30.00
N SER C 16 -6.11 35.37 30.81
CA SER C 16 -5.36 36.51 30.29
C SER C 16 -4.14 36.05 29.50
N LEU C 17 -3.58 36.96 28.72
CA LEU C 17 -2.47 36.63 27.83
C LEU C 17 -1.24 36.23 28.62
N GLY C 18 -0.38 35.46 27.98
CA GLY C 18 0.89 35.08 28.58
C GLY C 18 0.76 34.25 29.84
N GLN C 19 -0.35 33.51 29.98
CA GLN C 19 -0.62 32.71 31.16
C GLN C 19 -1.06 31.31 30.70
N ARG C 20 -1.33 30.44 31.66
CA ARG C 20 -1.70 29.07 31.38
C ARG C 20 -3.22 28.90 31.37
N ALA C 21 -3.69 28.01 30.51
CA ALA C 21 -5.10 27.64 30.43
C ALA C 21 -5.21 26.14 30.55
N THR C 22 -6.11 25.68 31.42
CA THR C 22 -6.26 24.26 31.72
C THR C 22 -7.68 23.81 31.40
N ILE C 23 -7.80 22.73 30.63
CA ILE C 23 -9.10 22.16 30.24
C ILE C 23 -9.11 20.70 30.64
N SER C 24 -10.13 20.31 31.41
CA SER C 24 -10.27 18.93 31.85
C SER C 24 -11.30 18.21 30.99
N CYS C 25 -11.17 16.87 30.92
CA CYS C 25 -12.08 16.05 30.13
C CYS C 25 -12.22 14.72 30.85
N LYS C 26 -13.30 14.56 31.62
CA LYS C 26 -13.61 13.28 32.23
C LYS C 26 -14.15 12.31 31.18
N ALA C 27 -14.36 11.07 31.60
CA ALA C 27 -14.83 10.05 30.69
C ALA C 27 -15.67 9.02 31.43
N SER C 28 -16.70 8.52 30.76
CA SER C 28 -17.56 7.49 31.37
C SER C 28 -16.77 6.21 31.62
N GLN C 29 -15.86 5.87 30.71
CA GLN C 29 -15.04 4.66 30.82
C GLN C 29 -13.57 5.05 30.75
N SER C 30 -12.71 4.04 30.84
CA SER C 30 -11.26 4.26 30.77
C SER C 30 -10.85 4.23 29.31
N VAL C 31 -10.24 5.31 28.83
CA VAL C 31 -9.74 5.35 27.46
C VAL C 31 -8.27 4.97 27.46
N ASP C 32 -7.99 3.68 27.41
CA ASP C 32 -6.64 3.13 27.40
C ASP C 32 -6.63 1.94 26.46
N PHE C 33 -5.59 1.82 25.65
CA PHE C 33 -5.67 0.84 24.56
C PHE C 33 -4.25 0.32 24.31
N ASP C 34 -3.90 -0.78 24.98
CA ASP C 34 -2.65 -1.49 24.75
C ASP C 34 -1.44 -0.55 24.87
N GLY C 35 -1.38 0.20 25.96
CA GLY C 35 -0.20 0.95 26.33
C GLY C 35 -0.28 2.45 26.14
N ASP C 36 -1.25 2.95 25.38
CA ASP C 36 -1.51 4.37 25.29
C ASP C 36 -2.99 4.65 25.47
N SER C 37 -3.32 5.93 25.58
CA SER C 37 -4.69 6.40 25.72
C SER C 37 -5.11 7.05 24.41
N TYR C 38 -6.15 6.50 23.78
CA TYR C 38 -6.58 6.98 22.47
C TYR C 38 -7.53 8.16 22.65
N MET C 39 -6.92 9.29 23.02
CA MET C 39 -7.62 10.54 23.29
C MET C 39 -6.99 11.65 22.45
N ASN C 40 -7.83 12.51 21.89
CA ASN C 40 -7.36 13.57 21.00
C ASN C 40 -8.04 14.89 21.35
N TRP C 41 -7.38 15.98 20.98
CA TRP C 41 -7.87 17.34 21.21
C TRP C 41 -7.89 18.09 19.89
N TYR C 42 -8.86 18.99 19.74
CA TYR C 42 -9.02 19.73 18.49
C TYR C 42 -9.28 21.21 18.76
N GLN C 43 -8.87 22.04 17.79
CA GLN C 43 -9.11 23.48 17.78
C GLN C 43 -10.10 23.81 16.68
N GLN C 44 -11.17 24.53 17.02
CA GLN C 44 -12.17 24.95 16.05
C GLN C 44 -12.40 26.46 16.18
N LYS C 45 -11.74 27.24 15.31
CA LYS C 45 -12.06 28.65 15.21
C LYS C 45 -13.40 28.82 14.47
N PRO C 46 -14.14 29.90 14.75
CA PRO C 46 -15.44 30.09 14.09
C PRO C 46 -15.29 30.18 12.57
N GLY C 47 -16.21 29.52 11.87
CA GLY C 47 -16.17 29.46 10.43
C GLY C 47 -15.17 28.48 9.83
N GLN C 48 -14.51 27.69 10.66
CA GLN C 48 -13.47 26.77 10.22
C GLN C 48 -13.76 25.36 10.73
N PRO C 49 -13.28 24.34 10.03
CA PRO C 49 -13.34 22.98 10.55
C PRO C 49 -12.34 22.80 11.68
N PRO C 50 -12.52 21.78 12.51
CA PRO C 50 -11.54 21.54 13.58
C PRO C 50 -10.16 21.21 13.04
N LYS C 51 -9.15 21.75 13.72
CA LYS C 51 -7.74 21.40 13.49
C LYS C 51 -7.32 20.40 14.55
N LEU C 52 -6.42 19.49 14.18
CA LEU C 52 -5.99 18.43 15.09
C LEU C 52 -4.82 18.93 15.94
N LEU C 53 -4.99 18.92 17.25
CA LEU C 53 -3.98 19.42 18.18
C LEU C 53 -3.09 18.32 18.74
N ILE C 54 -3.68 17.38 19.48
CA ILE C 54 -2.94 16.34 20.18
C ILE C 54 -3.60 15.00 19.87
N TYR C 55 -2.78 13.98 19.61
CA TYR C 55 -3.29 12.65 19.28
C TYR C 55 -2.65 11.60 20.18
N THR C 56 -3.44 10.58 20.54
CA THR C 56 -3.01 9.48 21.41
C THR C 56 -2.49 10.02 22.74
N THR C 57 -3.19 11.04 23.25
CA THR C 57 -3.23 11.65 24.59
C THR C 57 -2.02 12.50 24.96
N SER C 58 -0.92 12.43 24.23
CA SER C 58 0.11 13.44 24.48
C SER C 58 0.91 13.86 23.25
N ASN C 59 0.73 13.20 22.11
CA ASN C 59 1.62 13.42 20.98
C ASN C 59 1.20 14.69 20.23
N LEU C 60 2.08 15.69 20.24
CA LEU C 60 1.83 16.91 19.50
C LEU C 60 2.04 16.67 18.01
N GLU C 61 1.08 17.08 17.20
CA GLU C 61 1.27 16.95 15.75
C GLU C 61 2.13 18.11 15.25
N SER C 62 2.81 17.87 14.14
CA SER C 62 3.73 18.86 13.58
C SER C 62 2.97 20.12 13.17
N GLY C 63 3.74 21.19 12.93
CA GLY C 63 3.18 22.44 12.48
C GLY C 63 2.72 23.33 13.62
N ILE C 64 1.70 22.88 14.35
CA ILE C 64 1.15 23.69 15.44
C ILE C 64 2.19 23.83 16.54
N PRO C 65 2.25 24.96 17.25
CA PRO C 65 3.40 25.25 18.11
C PRO C 65 3.44 24.36 19.34
N ALA C 66 4.57 24.45 20.05
CA ALA C 66 4.86 23.61 21.20
C ALA C 66 4.27 24.16 22.49
N ARG C 67 3.50 25.25 22.45
CA ARG C 67 2.83 25.75 23.64
C ARG C 67 1.59 24.95 23.99
N PHE C 68 1.22 23.97 23.17
CA PHE C 68 0.09 23.09 23.44
C PHE C 68 0.58 21.81 24.07
N SER C 69 -0.01 21.45 25.21
CA SER C 69 0.40 20.27 25.97
C SER C 69 -0.82 19.41 26.26
N GLY C 70 -0.74 18.14 25.89
CA GLY C 70 -1.76 17.15 26.22
C GLY C 70 -1.23 16.19 27.27
N SER C 71 -2.08 15.83 28.22
CA SER C 71 -1.64 14.98 29.32
C SER C 71 -2.85 14.25 29.91
N GLY C 72 -2.55 13.19 30.65
CA GLY C 72 -3.58 12.42 31.33
C GLY C 72 -3.55 10.93 31.03
N SER C 73 -4.20 10.14 31.88
CA SER C 73 -4.31 8.71 31.66
C SER C 73 -5.56 8.22 32.38
N GLY C 74 -6.12 7.12 31.87
CA GLY C 74 -7.27 6.51 32.50
C GLY C 74 -8.59 7.23 32.25
N THR C 75 -9.22 7.71 33.31
CA THR C 75 -10.57 8.23 33.24
C THR C 75 -10.65 9.74 33.01
N ASP C 76 -9.52 10.44 32.98
CA ASP C 76 -9.55 11.90 32.92
C ASP C 76 -8.22 12.47 32.46
N PHE C 77 -8.30 13.48 31.59
CA PHE C 77 -7.13 14.08 30.95
C PHE C 77 -7.26 15.59 30.95
N THR C 78 -6.14 16.27 30.65
CA THR C 78 -6.08 17.73 30.68
C THR C 78 -5.31 18.25 29.48
N LEU C 79 -5.53 19.54 29.16
CA LEU C 79 -4.83 20.25 28.11
C LEU C 79 -4.29 21.56 28.68
N ASN C 80 -3.04 21.88 28.35
CA ASN C 80 -2.42 23.13 28.77
C ASN C 80 -2.03 23.96 27.55
N ILE C 81 -2.20 25.27 27.67
CA ILE C 81 -1.72 26.24 26.70
C ILE C 81 -0.85 27.25 27.44
N HIS C 82 0.42 27.34 27.06
CA HIS C 82 1.34 28.20 27.78
C HIS C 82 2.47 28.69 26.87
N PRO C 83 2.52 30.00 26.54
CA PRO C 83 1.55 31.01 26.97
C PRO C 83 0.37 31.16 26.01
N VAL C 84 -0.79 31.57 26.52
CA VAL C 84 -1.96 31.77 25.67
C VAL C 84 -1.72 32.98 24.78
N GLU C 85 -1.99 32.83 23.49
CA GLU C 85 -1.84 33.90 22.52
C GLU C 85 -3.20 34.42 22.06
N GLU C 86 -3.16 35.49 21.28
CA GLU C 86 -4.38 36.08 20.73
C GLU C 86 -5.06 35.11 19.76
N GLU C 87 -4.25 34.30 19.07
CA GLU C 87 -4.74 33.38 18.05
C GLU C 87 -5.67 32.33 18.64
N ASP C 88 -5.47 31.98 19.90
CA ASP C 88 -6.10 30.84 20.53
C ASP C 88 -7.58 31.08 20.86
N ALA C 89 -8.16 32.20 20.42
CA ALA C 89 -9.59 32.48 20.60
C ALA C 89 -10.43 31.52 19.76
N ALA C 90 -10.85 30.43 20.38
CA ALA C 90 -11.63 29.38 19.70
C ALA C 90 -12.21 28.46 20.76
N THR C 91 -12.86 27.39 20.32
CA THR C 91 -13.41 26.37 21.19
C THR C 91 -12.62 25.08 21.00
N TYR C 92 -12.58 24.26 22.04
CA TYR C 92 -11.74 23.06 22.04
C TYR C 92 -12.56 21.86 22.48
N TYR C 93 -12.32 20.72 21.82
CA TYR C 93 -13.05 19.48 22.07
C TYR C 93 -12.07 18.35 22.35
N CYS C 94 -12.49 17.42 23.21
CA CYS C 94 -11.76 16.19 23.44
C CYS C 94 -12.50 15.03 22.77
N GLN C 95 -11.73 14.02 22.36
CA GLN C 95 -12.26 12.95 21.51
C GLN C 95 -11.60 11.62 21.85
N GLN C 96 -12.42 10.60 22.09
CA GLN C 96 -11.93 9.26 22.38
C GLN C 96 -12.01 8.38 21.14
N SER C 97 -11.07 7.45 21.03
CA SER C 97 -10.97 6.54 19.89
C SER C 97 -10.71 5.11 20.36
N SER C 98 -11.34 4.70 21.45
CA SER C 98 -11.18 3.35 21.98
C SER C 98 -12.29 2.41 21.52
N GLU C 99 -13.55 2.75 21.78
CA GLU C 99 -14.66 1.89 21.41
C GLU C 99 -15.56 2.56 20.38
N ASP C 100 -16.08 1.75 19.47
CA ASP C 100 -17.21 2.14 18.65
C ASP C 100 -18.38 2.50 19.56
N PRO C 101 -18.98 3.69 19.42
CA PRO C 101 -18.62 4.76 18.47
C PRO C 101 -17.65 5.79 19.03
N TYR C 102 -16.82 6.34 18.15
CA TYR C 102 -15.98 7.47 18.54
C TYR C 102 -16.85 8.67 18.89
N THR C 103 -16.57 9.29 20.03
CA THR C 103 -17.39 10.40 20.52
C THR C 103 -16.53 11.56 20.97
N PHE C 104 -17.10 12.76 20.89
CA PHE C 104 -16.46 14.00 21.31
C PHE C 104 -17.01 14.48 22.64
N GLY C 105 -16.29 15.40 23.26
CA GLY C 105 -16.75 16.05 24.46
C GLY C 105 -17.74 17.15 24.17
N GLY C 106 -18.21 17.80 25.24
CA GLY C 106 -19.19 18.86 25.10
C GLY C 106 -18.63 20.13 24.50
N GLY C 107 -17.33 20.35 24.59
CA GLY C 107 -16.72 21.55 24.05
C GLY C 107 -16.62 22.65 25.08
N THR C 108 -15.57 23.46 24.94
CA THR C 108 -15.36 24.60 25.82
C THR C 108 -14.76 25.75 25.04
N LYS C 109 -15.19 26.97 25.35
CA LYS C 109 -14.78 28.16 24.62
C LYS C 109 -13.73 28.91 25.42
N LEU C 110 -12.61 29.23 24.76
CA LEU C 110 -11.51 29.95 25.39
C LEU C 110 -11.61 31.43 25.05
N GLU C 111 -11.73 32.26 26.08
CA GLU C 111 -11.79 33.71 25.94
C GLU C 111 -10.49 34.30 26.44
N ILE C 112 -9.94 35.25 25.69
CA ILE C 112 -8.72 35.93 26.09
C ILE C 112 -9.07 37.21 26.84
N LYS C 113 -8.53 37.34 28.05
CA LYS C 113 -8.74 38.52 28.88
C LYS C 113 -7.73 39.59 28.46
N ARG C 114 -8.25 40.73 27.99
CA ARG C 114 -7.40 41.84 27.61
C ARG C 114 -8.02 43.12 28.16
N ALA C 115 -7.38 44.25 27.86
CA ALA C 115 -7.85 45.53 28.35
C ALA C 115 -9.21 45.87 27.76
N ASP C 116 -10.02 46.62 28.51
CA ASP C 116 -11.35 47.00 28.06
C ASP C 116 -11.25 47.95 26.87
N GLY C 117 -12.34 48.00 26.09
CA GLY C 117 -12.36 48.79 24.88
C GLY C 117 -13.67 49.52 24.70
N ALA C 118 -13.64 50.53 23.83
CA ALA C 118 -14.79 51.35 23.53
C ALA C 118 -15.25 51.10 22.10
N PRO C 119 -16.53 50.82 21.89
CA PRO C 119 -17.01 50.51 20.52
C PRO C 119 -16.95 51.73 19.62
N THR C 120 -16.38 51.55 18.44
CA THR C 120 -16.42 52.55 17.38
C THR C 120 -17.72 52.36 16.61
N VAL C 121 -18.66 53.28 16.80
CA VAL C 121 -20.03 53.13 16.31
C VAL C 121 -20.15 53.76 14.93
N SER C 122 -20.93 53.12 14.06
CA SER C 122 -21.20 53.61 12.72
C SER C 122 -22.63 53.30 12.33
N ILE C 123 -23.31 54.27 11.71
CA ILE C 123 -24.70 54.12 11.29
C ILE C 123 -24.79 54.46 9.81
N PHE C 124 -25.52 53.63 9.06
CA PHE C 124 -25.66 53.80 7.63
C PHE C 124 -27.13 53.87 7.24
N PRO C 125 -27.51 54.80 6.37
CA PRO C 125 -28.89 54.88 5.90
C PRO C 125 -29.17 53.80 4.87
N PRO C 126 -30.44 53.47 4.63
CA PRO C 126 -30.75 52.44 3.64
C PRO C 126 -30.36 52.89 2.24
N SER C 127 -29.98 51.91 1.41
CA SER C 127 -29.59 52.20 0.04
C SER C 127 -30.81 52.61 -0.79
N SER C 128 -30.54 53.38 -1.85
CA SER C 128 -31.62 53.80 -2.74
C SER C 128 -32.24 52.60 -3.45
N GLU C 129 -31.42 51.63 -3.85
CA GLU C 129 -31.95 50.41 -4.45
C GLU C 129 -32.78 49.62 -3.45
N GLN C 130 -32.34 49.58 -2.19
CA GLN C 130 -33.13 48.90 -1.16
C GLN C 130 -34.50 49.53 -1.01
N LEU C 131 -34.59 50.86 -1.17
CA LEU C 131 -35.87 51.55 -1.03
C LEU C 131 -36.89 51.02 -2.03
N THR C 132 -36.46 50.71 -3.25
CA THR C 132 -37.37 50.24 -4.29
C THR C 132 -37.97 48.87 -3.99
N SER C 133 -37.47 48.16 -2.98
CA SER C 133 -37.94 46.83 -2.66
C SER C 133 -39.21 46.81 -1.82
N GLY C 134 -39.77 47.96 -1.49
CA GLY C 134 -40.88 48.02 -0.56
C GLY C 134 -40.47 47.93 0.89
N GLY C 135 -39.19 48.07 1.18
CA GLY C 135 -38.70 48.07 2.55
C GLY C 135 -37.37 48.81 2.61
N ALA C 136 -36.95 49.08 3.85
CA ALA C 136 -35.69 49.77 4.08
C ALA C 136 -35.16 49.37 5.44
N SER C 137 -33.84 49.32 5.56
CA SER C 137 -33.19 48.91 6.81
C SER C 137 -32.02 49.84 7.10
N VAL C 138 -31.99 50.36 8.33
CA VAL C 138 -30.86 51.12 8.84
C VAL C 138 -29.99 50.20 9.67
N VAL C 139 -28.69 50.19 9.39
CA VAL C 139 -27.73 49.36 10.10
C VAL C 139 -26.89 50.25 11.00
N CYS C 140 -26.58 49.75 12.19
CA CYS C 140 -25.75 50.48 13.16
C CYS C 140 -24.61 49.53 13.53
N PHE C 141 -23.43 49.80 12.97
CA PHE C 141 -22.27 48.96 13.24
C PHE C 141 -21.61 49.35 14.55
N LEU C 142 -21.18 48.34 15.31
CA LEU C 142 -20.46 48.53 16.57
C LEU C 142 -19.23 47.64 16.50
N ASN C 143 -18.15 48.17 15.95
CA ASN C 143 -16.93 47.40 15.71
C ASN C 143 -15.93 47.62 16.84
N ASN C 144 -15.19 46.56 17.16
CA ASN C 144 -13.96 46.63 17.94
C ASN C 144 -14.19 47.21 19.34
N PHE C 145 -14.92 46.44 20.15
CA PHE C 145 -15.07 46.71 21.58
C PHE C 145 -14.81 45.44 22.37
N TYR C 146 -14.86 45.57 23.70
CA TYR C 146 -14.60 44.50 24.66
C TYR C 146 -15.05 44.98 26.03
N PRO C 147 -15.75 44.16 26.84
CA PRO C 147 -16.17 42.76 26.69
C PRO C 147 -17.49 42.55 25.95
N LYS C 148 -18.12 41.39 26.19
CA LYS C 148 -19.36 41.04 25.51
C LYS C 148 -20.45 42.07 25.75
N ASP C 149 -20.68 42.42 27.03
CA ASP C 149 -21.88 43.14 27.43
C ASP C 149 -22.00 44.47 26.71
N ILE C 150 -23.13 44.66 26.02
CA ILE C 150 -23.40 45.92 25.33
C ILE C 150 -24.89 45.95 25.04
N ASN C 151 -25.44 47.16 24.99
CA ASN C 151 -26.88 47.34 24.80
C ASN C 151 -27.11 48.49 23.84
N VAL C 152 -27.89 48.22 22.78
CA VAL C 152 -28.21 49.22 21.76
C VAL C 152 -29.69 49.52 21.80
N LYS C 153 -30.03 50.80 21.66
CA LYS C 153 -31.41 51.25 21.65
C LYS C 153 -31.64 52.11 20.42
N TRP C 154 -32.77 51.90 19.75
CA TRP C 154 -33.12 52.63 18.55
C TRP C 154 -34.22 53.63 18.87
N LYS C 155 -34.00 54.88 18.46
CA LYS C 155 -34.98 55.95 18.65
C LYS C 155 -35.32 56.55 17.29
N ILE C 156 -36.59 56.48 16.92
CA ILE C 156 -37.10 57.12 15.71
C ILE C 156 -37.72 58.46 16.13
N ASP C 157 -37.05 59.55 15.77
CA ASP C 157 -37.43 60.90 16.21
C ASP C 157 -37.47 61.00 17.73
N GLY C 158 -36.48 60.38 18.39
CA GLY C 158 -36.36 60.42 19.83
C GLY C 158 -37.18 59.38 20.57
N SER C 159 -38.27 58.91 19.97
CA SER C 159 -39.10 57.89 20.59
C SER C 159 -38.43 56.52 20.41
N GLU C 160 -38.12 55.86 21.52
CA GLU C 160 -37.42 54.58 21.45
C GLU C 160 -38.29 53.53 20.78
N ARG C 161 -37.70 52.83 19.81
CA ARG C 161 -38.36 51.74 19.11
C ARG C 161 -37.62 50.45 19.42
N GLN C 162 -38.37 49.41 19.81
CA GLN C 162 -37.77 48.14 20.16
C GLN C 162 -38.29 46.97 19.34
N ASN C 163 -39.38 47.14 18.59
CA ASN C 163 -39.90 46.08 17.74
C ASN C 163 -39.29 46.22 16.34
N GLY C 164 -38.80 45.10 15.81
CA GLY C 164 -38.17 45.10 14.51
C GLY C 164 -36.66 45.19 14.51
N VAL C 165 -36.02 45.03 15.68
CA VAL C 165 -34.57 45.08 15.77
C VAL C 165 -34.01 43.67 15.60
N LEU C 166 -32.79 43.60 15.08
CA LEU C 166 -32.11 42.33 14.84
C LEU C 166 -30.64 42.50 15.20
N ASN C 167 -30.18 41.75 16.20
CA ASN C 167 -28.82 41.86 16.70
C ASN C 167 -28.05 40.58 16.44
N SER C 168 -26.78 40.71 16.06
CA SER C 168 -25.93 39.55 15.82
C SER C 168 -24.51 39.90 16.23
N TRP C 169 -23.94 39.11 17.13
CA TRP C 169 -22.60 39.33 17.64
C TRP C 169 -21.58 38.50 16.85
N THR C 170 -20.38 39.05 16.73
CA THR C 170 -19.24 38.34 16.18
C THR C 170 -18.44 37.72 17.32
N ASP C 171 -17.82 36.58 17.05
CA ASP C 171 -16.91 36.00 18.03
C ASP C 171 -15.60 36.78 18.03
N GLN C 172 -14.73 36.45 18.99
CA GLN C 172 -13.49 37.17 19.20
C GLN C 172 -12.63 37.13 17.93
N ASP C 173 -12.07 38.28 17.52
CA ASP C 173 -11.12 38.24 16.42
C ASP C 173 -9.88 37.44 16.80
N SER C 174 -9.39 36.66 15.85
CA SER C 174 -8.23 35.80 16.06
C SER C 174 -6.94 36.59 16.20
N LYS C 175 -6.91 37.84 15.75
CA LYS C 175 -5.71 38.66 15.88
C LYS C 175 -5.94 39.93 16.69
N ASP C 176 -7.10 40.08 17.32
CA ASP C 176 -7.40 41.29 18.06
C ASP C 176 -7.99 41.05 19.45
N SER C 177 -8.48 39.85 19.76
CA SER C 177 -9.17 39.58 21.02
C SER C 177 -10.32 40.57 21.22
N THR C 178 -11.20 40.62 20.23
CA THR C 178 -12.08 41.78 20.06
C THR C 178 -13.43 41.33 19.51
N TYR C 179 -14.49 41.97 20.01
CA TYR C 179 -15.86 41.65 19.64
C TYR C 179 -16.44 42.73 18.72
N SER C 180 -17.54 42.37 18.06
CA SER C 180 -18.30 43.30 17.24
C SER C 180 -19.74 42.80 17.19
N MET C 181 -20.66 43.71 16.87
CA MET C 181 -22.06 43.34 16.69
C MET C 181 -22.73 44.38 15.81
N SER C 182 -23.88 44.01 15.26
CA SER C 182 -24.63 44.86 14.35
C SER C 182 -26.12 44.78 14.67
N SER C 183 -26.81 45.92 14.54
CA SER C 183 -28.24 46.01 14.79
C SER C 183 -28.92 46.56 13.54
N THR C 184 -30.09 45.99 13.21
CA THR C 184 -30.82 46.36 12.00
C THR C 184 -32.30 46.55 12.35
N LEU C 185 -32.81 47.74 12.10
CA LEU C 185 -34.25 47.96 12.02
C LEU C 185 -34.73 47.64 10.61
N THR C 186 -35.82 46.89 10.51
CA THR C 186 -36.43 46.56 9.23
C THR C 186 -37.82 47.21 9.21
N LEU C 187 -37.89 48.42 8.68
CA LEU C 187 -39.14 49.15 8.58
C LEU C 187 -39.70 49.07 7.17
N THR C 188 -41.00 49.36 7.06
CA THR C 188 -41.64 49.41 5.76
C THR C 188 -41.15 50.63 4.98
N LYS C 189 -41.34 50.58 3.67
CA LYS C 189 -40.98 51.71 2.81
C LYS C 189 -41.75 52.96 3.21
N ASP C 190 -43.04 52.81 3.52
CA ASP C 190 -43.86 53.96 3.86
C ASP C 190 -43.53 54.50 5.25
N GLU C 191 -43.40 53.62 6.24
CA GLU C 191 -43.10 54.07 7.60
C GLU C 191 -41.69 54.61 7.74
N TYR C 192 -40.76 54.18 6.89
CA TYR C 192 -39.42 54.75 6.91
C TYR C 192 -39.44 56.22 6.54
N GLU C 193 -40.31 56.60 5.61
CA GLU C 193 -40.36 57.97 5.12
C GLU C 193 -41.22 58.88 5.99
N ARG C 194 -41.76 58.38 7.09
CA ARG C 194 -42.58 59.17 7.99
C ARG C 194 -41.78 59.76 9.15
N HIS C 195 -40.45 59.72 9.07
CA HIS C 195 -39.60 60.22 10.14
C HIS C 195 -38.31 60.76 9.53
N ASN C 196 -37.59 61.56 10.32
CA ASN C 196 -36.30 62.11 9.92
C ASN C 196 -35.16 61.70 10.84
N SER C 197 -35.38 61.68 12.15
CA SER C 197 -34.33 61.42 13.12
C SER C 197 -34.23 59.91 13.37
N TYR C 198 -33.06 59.35 13.06
CA TYR C 198 -32.79 57.93 13.28
C TYR C 198 -31.50 57.82 14.09
N THR C 199 -31.62 57.44 15.36
CA THR C 199 -30.51 57.39 16.29
C THR C 199 -30.39 55.99 16.86
N CYS C 200 -29.15 55.50 16.96
CA CYS C 200 -28.84 54.26 17.68
C CYS C 200 -27.84 54.61 18.78
N GLU C 201 -28.28 54.50 20.03
CA GLU C 201 -27.41 54.74 21.17
C GLU C 201 -26.97 53.39 21.75
N ALA C 202 -25.72 53.34 22.20
CA ALA C 202 -25.14 52.12 22.77
C ALA C 202 -24.62 52.42 24.15
N THR C 203 -25.12 51.69 25.15
CA THR C 203 -24.66 51.82 26.52
C THR C 203 -23.65 50.71 26.80
N HIS C 204 -22.43 51.10 27.18
CA HIS C 204 -21.34 50.16 27.38
C HIS C 204 -20.67 50.45 28.72
N LYS C 205 -19.85 49.49 29.16
CA LYS C 205 -19.06 49.68 30.37
C LYS C 205 -18.07 50.83 30.22
N THR C 206 -17.60 51.09 29.00
CA THR C 206 -16.50 52.02 28.78
C THR C 206 -16.88 53.48 29.03
N SER C 207 -18.17 53.81 29.15
CA SER C 207 -18.56 55.19 29.37
C SER C 207 -19.83 55.22 30.21
N THR C 208 -19.90 56.22 31.11
CA THR C 208 -21.09 56.38 31.94
C THR C 208 -22.31 56.74 31.09
N SER C 209 -22.16 57.72 30.19
CA SER C 209 -23.23 58.11 29.28
C SER C 209 -23.13 57.34 27.97
N PRO C 210 -24.27 57.04 27.34
CA PRO C 210 -24.24 56.22 26.12
C PRO C 210 -23.50 56.91 24.99
N ILE C 211 -23.01 56.10 24.07
CA ILE C 211 -22.42 56.58 22.83
C ILE C 211 -23.52 56.70 21.79
N VAL C 212 -23.50 57.79 21.02
CA VAL C 212 -24.58 58.11 20.09
C VAL C 212 -24.00 58.52 18.75
N LYS C 213 -24.58 58.01 17.67
CA LYS C 213 -24.33 58.51 16.33
C LYS C 213 -25.62 58.31 15.53
N SER C 214 -25.96 59.28 14.70
CA SER C 214 -27.27 59.32 14.06
C SER C 214 -27.18 60.04 12.73
N PHE C 215 -28.33 60.15 12.06
CA PHE C 215 -28.41 60.80 10.75
C PHE C 215 -29.83 61.28 10.52
N ASN C 216 -29.96 62.23 9.60
CA ASN C 216 -31.24 62.75 9.16
C ASN C 216 -31.29 62.70 7.64
N ARG C 217 -32.52 62.73 7.11
CA ARG C 217 -32.74 62.68 5.66
C ARG C 217 -32.70 64.05 5.01
N ASN C 218 -32.52 65.12 5.79
CA ASN C 218 -32.47 66.49 5.28
C ASN C 218 -33.78 66.91 4.61
N GLU D 3 -0.69 20.20 1.45
CA GLU D 3 -0.42 19.65 0.13
C GLU D 3 -1.44 18.53 -0.01
N VAL D 4 -1.95 18.12 1.15
CA VAL D 4 -3.00 17.12 1.28
C VAL D 4 -4.28 17.86 1.64
N GLN D 5 -5.25 17.83 0.73
CA GLN D 5 -6.48 18.60 0.92
C GLN D 5 -7.70 17.76 0.60
N LEU D 6 -8.70 17.82 1.48
CA LEU D 6 -10.02 17.25 1.23
C LEU D 6 -10.94 18.40 0.83
N GLN D 7 -11.39 18.40 -0.42
CA GLN D 7 -12.27 19.43 -0.93
C GLN D 7 -13.69 18.87 -0.91
N GLU D 8 -14.60 19.59 -0.26
CA GLU D 8 -15.96 19.11 -0.11
C GLU D 8 -16.86 19.68 -1.20
N SER D 9 -18.11 19.21 -1.21
CA SER D 9 -19.09 19.62 -2.20
C SER D 9 -19.62 21.00 -1.85
N GLY D 10 -20.71 21.40 -2.49
CA GLY D 10 -21.34 22.67 -2.21
C GLY D 10 -22.50 22.51 -1.25
N PRO D 11 -22.96 23.63 -0.69
CA PRO D 11 -24.16 23.57 0.17
C PRO D 11 -25.37 23.13 -0.63
N GLU D 12 -26.26 22.40 0.06
CA GLU D 12 -27.44 21.84 -0.58
C GLU D 12 -28.68 22.13 0.25
N LEU D 13 -29.82 22.19 -0.43
CA LEU D 13 -31.12 22.38 0.20
C LEU D 13 -32.09 21.36 -0.35
N VAL D 14 -32.71 20.58 0.55
CA VAL D 14 -33.73 19.61 0.16
C VAL D 14 -34.88 19.66 1.15
N LYS D 15 -36.04 19.20 0.69
CA LYS D 15 -37.24 19.15 1.49
C LYS D 15 -37.26 17.89 2.36
N PRO D 16 -37.96 17.92 3.49
CA PRO D 16 -37.96 16.75 4.38
C PRO D 16 -38.45 15.49 3.72
N GLY D 17 -37.79 14.37 4.02
CA GLY D 17 -38.13 13.08 3.47
C GLY D 17 -37.29 12.65 2.27
N ALA D 18 -36.57 13.59 1.66
CA ALA D 18 -35.81 13.28 0.45
C ALA D 18 -34.45 12.71 0.83
N SER D 19 -33.56 12.57 -0.15
CA SER D 19 -32.23 12.04 0.05
C SER D 19 -31.20 12.92 -0.66
N VAL D 20 -29.95 12.85 -0.18
CA VAL D 20 -28.86 13.64 -0.73
C VAL D 20 -27.61 12.77 -0.83
N LYS D 21 -26.78 13.09 -1.83
CA LYS D 21 -25.40 12.62 -1.87
C LYS D 21 -24.49 13.81 -1.65
N ILE D 22 -23.66 13.74 -0.61
CA ILE D 22 -22.60 14.70 -0.34
C ILE D 22 -21.27 14.06 -0.73
N SER D 23 -20.42 14.84 -1.40
CA SER D 23 -19.17 14.32 -1.90
C SER D 23 -17.98 14.95 -1.19
N CYS D 24 -16.87 14.19 -1.18
CA CYS D 24 -15.60 14.66 -0.64
C CYS D 24 -14.49 14.08 -1.50
N LYS D 25 -13.90 14.91 -2.36
CA LYS D 25 -12.84 14.46 -3.24
C LYS D 25 -11.49 14.71 -2.57
N ALA D 26 -10.64 13.69 -2.58
CA ALA D 26 -9.34 13.74 -1.93
C ALA D 26 -8.22 13.78 -2.96
N SER D 27 -7.13 14.44 -2.61
CA SER D 27 -5.94 14.50 -3.44
C SER D 27 -4.78 15.01 -2.59
N GLY D 28 -3.58 14.55 -2.92
CA GLY D 28 -2.38 14.89 -2.19
C GLY D 28 -1.75 13.73 -1.45
N TYR D 29 -2.50 12.65 -1.24
CA TYR D 29 -1.99 11.46 -0.57
C TYR D 29 -2.51 10.23 -1.30
N ALA D 30 -2.17 9.06 -0.76
CA ALA D 30 -2.67 7.80 -1.31
C ALA D 30 -4.08 7.57 -0.77
N PHE D 31 -5.07 8.06 -1.53
CA PHE D 31 -6.45 7.95 -1.08
C PHE D 31 -6.88 6.51 -0.85
N SER D 32 -6.35 5.58 -1.65
CA SER D 32 -6.81 4.20 -1.65
C SER D 32 -6.53 3.48 -0.34
N ARG D 33 -5.86 4.16 0.60
CA ARG D 33 -5.25 3.46 1.72
C ARG D 33 -5.67 3.93 3.11
N SER D 34 -6.23 5.13 3.26
CA SER D 34 -6.52 5.66 4.58
C SER D 34 -8.02 5.78 4.79
N TRP D 35 -8.47 5.44 5.99
CA TRP D 35 -9.90 5.48 6.32
C TRP D 35 -10.45 6.89 6.15
N MET D 36 -11.65 6.98 5.59
CA MET D 36 -12.38 8.23 5.51
C MET D 36 -13.47 8.28 6.59
N ASN D 37 -13.82 9.51 6.98
CA ASN D 37 -14.64 9.73 8.16
C ASN D 37 -15.69 10.78 7.84
N TRP D 38 -16.81 10.73 8.57
CA TRP D 38 -17.82 11.77 8.46
C TRP D 38 -18.31 12.14 9.86
N VAL D 39 -18.37 13.44 10.13
CA VAL D 39 -18.74 13.97 11.44
C VAL D 39 -19.87 14.98 11.25
N LYS D 40 -20.88 14.91 12.13
CA LYS D 40 -22.04 15.77 12.07
C LYS D 40 -22.01 16.77 13.23
N GLN D 41 -22.14 18.05 12.90
CA GLN D 41 -22.07 19.13 13.88
C GLN D 41 -23.34 19.96 13.78
N ARG D 42 -24.29 19.70 14.67
CA ARG D 42 -25.46 20.56 14.74
C ARG D 42 -25.05 21.93 15.28
N PRO D 43 -25.61 23.02 14.73
CA PRO D 43 -25.28 24.36 15.26
C PRO D 43 -25.52 24.44 16.76
N GLY D 44 -24.46 24.72 17.51
CA GLY D 44 -24.54 24.73 18.96
C GLY D 44 -24.15 23.41 19.59
N LYS D 45 -24.84 22.33 19.21
CA LYS D 45 -24.57 21.04 19.81
C LYS D 45 -23.23 20.47 19.35
N GLY D 46 -22.83 19.36 19.98
CA GLY D 46 -21.50 18.83 19.82
C GLY D 46 -21.30 18.04 18.54
N LEU D 47 -20.03 17.76 18.26
CA LEU D 47 -19.65 16.96 17.11
C LEU D 47 -20.07 15.50 17.30
N GLU D 48 -20.52 14.88 16.22
CA GLU D 48 -20.99 13.50 16.23
C GLU D 48 -20.35 12.74 15.07
N TRP D 49 -19.74 11.59 15.36
CA TRP D 49 -19.10 10.79 14.32
C TRP D 49 -20.14 9.87 13.69
N ILE D 50 -20.07 9.75 12.35
CA ILE D 50 -21.12 9.07 11.60
C ILE D 50 -20.69 7.67 11.18
N GLY D 51 -19.67 7.59 10.34
CA GLY D 51 -19.32 6.30 9.76
C GLY D 51 -17.98 6.37 9.05
N ARG D 52 -17.56 5.21 8.56
CA ARG D 52 -16.23 5.09 7.98
C ARG D 52 -16.25 4.21 6.75
N ILE D 53 -15.53 4.66 5.72
CA ILE D 53 -15.33 3.91 4.49
C ILE D 53 -13.82 3.72 4.29
N TYR D 54 -13.44 2.52 3.87
CA TYR D 54 -12.04 2.24 3.56
C TYR D 54 -11.92 2.04 2.06
N PRO D 55 -11.50 3.05 1.30
CA PRO D 55 -11.61 3.00 -0.16
C PRO D 55 -10.73 1.95 -0.82
N GLY D 56 -9.97 1.16 -0.07
CA GLY D 56 -9.25 0.06 -0.66
C GLY D 56 -10.12 -1.17 -0.80
N ASP D 57 -10.95 -1.42 0.21
CA ASP D 57 -11.80 -2.60 0.25
C ASP D 57 -13.28 -2.29 0.37
N GLY D 58 -13.66 -1.03 0.55
CA GLY D 58 -15.06 -0.71 0.75
C GLY D 58 -15.60 -1.08 2.11
N ASP D 59 -14.73 -1.41 3.06
CA ASP D 59 -15.17 -1.86 4.37
C ASP D 59 -15.76 -0.69 5.16
N THR D 60 -16.93 -0.89 5.76
CA THR D 60 -17.67 0.18 6.38
C THR D 60 -17.87 -0.07 7.87
N ASN D 61 -17.77 1.01 8.65
CA ASN D 61 -18.19 1.06 10.04
C ASN D 61 -19.27 2.11 10.19
N TYR D 62 -20.33 1.79 10.94
CA TYR D 62 -21.46 2.68 11.09
C TYR D 62 -21.74 2.92 12.57
N ASN D 63 -21.87 4.19 12.94
CA ASN D 63 -22.32 4.54 14.28
C ASN D 63 -23.67 3.89 14.54
N GLY D 64 -23.82 3.30 15.72
CA GLY D 64 -25.09 2.67 16.06
C GLY D 64 -26.27 3.62 15.96
N LYS D 65 -26.04 4.91 16.18
CA LYS D 65 -27.11 5.89 16.07
C LYS D 65 -27.50 6.13 14.61
N PHE D 66 -26.52 6.09 13.70
CA PHE D 66 -26.72 6.47 12.30
C PHE D 66 -26.76 5.27 11.36
N LYS D 67 -27.07 4.08 11.86
CA LYS D 67 -26.93 2.88 11.04
C LYS D 67 -27.88 2.86 9.85
N GLY D 68 -29.04 3.48 9.99
CA GLY D 68 -30.02 3.47 8.91
C GLY D 68 -30.08 4.75 8.10
N LYS D 69 -29.72 5.87 8.73
CA LYS D 69 -29.86 7.17 8.06
C LYS D 69 -28.78 7.40 7.02
N ALA D 70 -27.57 6.90 7.24
CA ALA D 70 -26.43 7.20 6.39
C ALA D 70 -25.97 5.96 5.64
N THR D 71 -25.52 6.16 4.40
CA THR D 71 -24.84 5.13 3.62
C THR D 71 -23.60 5.74 2.99
N LEU D 72 -22.54 4.94 2.88
CA LEU D 72 -21.23 5.43 2.46
C LEU D 72 -20.68 4.57 1.33
N THR D 73 -20.08 5.23 0.34
CA THR D 73 -19.42 4.58 -0.79
C THR D 73 -18.15 5.36 -1.13
N ALA D 74 -17.42 4.87 -2.13
CA ALA D 74 -16.21 5.53 -2.59
C ALA D 74 -15.95 5.17 -4.04
N ASP D 75 -15.27 6.06 -4.75
CA ASP D 75 -14.87 5.85 -6.14
C ASP D 75 -13.34 5.88 -6.18
N LYS D 76 -12.74 4.72 -6.37
CA LYS D 76 -11.28 4.59 -6.30
C LYS D 76 -10.61 5.33 -7.46
N SER D 77 -11.16 5.23 -8.67
CA SER D 77 -10.56 5.89 -9.82
C SER D 77 -10.67 7.41 -9.71
N SER D 78 -11.84 7.91 -9.32
CA SER D 78 -12.04 9.34 -9.16
C SER D 78 -11.51 9.87 -7.83
N SER D 79 -11.12 8.98 -6.92
CA SER D 79 -10.61 9.36 -5.60
C SER D 79 -11.59 10.27 -4.87
N THR D 80 -12.83 9.83 -4.80
CA THR D 80 -13.91 10.61 -4.21
C THR D 80 -14.68 9.74 -3.22
N ALA D 81 -15.20 10.38 -2.17
CA ALA D 81 -16.00 9.71 -1.15
C ALA D 81 -17.41 10.26 -1.18
N TYR D 82 -18.40 9.37 -1.23
CA TYR D 82 -19.80 9.76 -1.31
C TYR D 82 -20.53 9.31 -0.05
N MET D 83 -21.44 10.15 0.43
CA MET D 83 -22.27 9.83 1.59
C MET D 83 -23.72 10.17 1.27
N GLN D 84 -24.61 9.22 1.52
CA GLN D 84 -26.03 9.35 1.20
C GLN D 84 -26.84 9.30 2.48
N LEU D 85 -27.72 10.29 2.64
CA LEU D 85 -28.63 10.36 3.79
C LEU D 85 -30.06 10.27 3.28
N SER D 86 -30.91 9.56 4.01
CA SER D 86 -32.27 9.26 3.56
C SER D 86 -33.31 9.80 4.53
N SER D 87 -34.45 10.19 3.98
CA SER D 87 -35.61 10.63 4.74
C SER D 87 -35.23 11.71 5.76
N LEU D 88 -34.69 12.80 5.23
CA LEU D 88 -34.15 13.85 6.08
C LEU D 88 -35.24 14.55 6.87
N THR D 89 -34.93 14.88 8.11
CA THR D 89 -35.82 15.63 8.99
C THR D 89 -35.13 16.94 9.39
N SER D 90 -35.75 17.66 10.32
CA SER D 90 -35.19 18.92 10.78
C SER D 90 -33.84 18.74 11.46
N GLU D 91 -33.71 17.69 12.28
CA GLU D 91 -32.50 17.51 13.08
C GLU D 91 -31.27 17.21 12.22
N ASP D 92 -31.45 16.69 11.01
CA ASP D 92 -30.31 16.41 10.14
C ASP D 92 -29.72 17.68 9.52
N SER D 93 -30.42 18.80 9.60
CA SER D 93 -29.91 20.06 9.05
C SER D 93 -28.72 20.49 9.90
N ALA D 94 -27.52 20.32 9.36
CA ALA D 94 -26.29 20.64 10.09
C ALA D 94 -25.16 20.76 9.08
N VAL D 95 -23.93 20.86 9.59
CA VAL D 95 -22.72 20.90 8.76
C VAL D 95 -22.04 19.55 8.87
N TYR D 96 -21.67 18.98 7.72
CA TYR D 96 -21.10 17.65 7.64
C TYR D 96 -19.65 17.75 7.18
N PHE D 97 -18.74 17.10 7.91
CA PHE D 97 -17.31 17.15 7.65
C PHE D 97 -16.80 15.78 7.22
N CYS D 98 -15.99 15.77 6.16
CA CYS D 98 -15.24 14.59 5.76
C CYS D 98 -13.82 14.72 6.30
N ALA D 99 -13.33 13.66 6.95
CA ALA D 99 -12.03 13.69 7.60
C ALA D 99 -11.30 12.38 7.34
N ARG D 100 -9.98 12.45 7.38
CA ARG D 100 -9.12 11.30 7.14
C ARG D 100 -8.38 10.95 8.43
N GLY D 101 -8.34 9.66 8.74
CA GLY D 101 -7.69 9.17 9.93
C GLY D 101 -8.42 7.96 10.48
N SER D 102 -7.74 7.22 11.35
CA SER D 102 -8.29 6.00 11.93
C SER D 102 -8.68 6.18 13.39
N ASN D 103 -7.74 6.58 14.25
CA ASN D 103 -8.04 6.89 15.63
C ASN D 103 -7.82 8.37 15.95
N SER D 104 -7.13 9.10 15.08
CA SER D 104 -6.95 10.54 15.23
C SER D 104 -7.37 11.19 13.93
N PHE D 105 -8.49 11.91 13.95
CA PHE D 105 -8.95 12.62 12.77
C PHE D 105 -7.93 13.67 12.40
N ALA D 106 -7.16 13.44 11.35
CA ALA D 106 -5.98 14.25 11.07
C ALA D 106 -6.31 15.43 10.15
N TYR D 107 -6.77 15.13 8.94
CA TYR D 107 -6.99 16.14 7.91
C TYR D 107 -8.48 16.25 7.65
N TRP D 108 -9.03 17.46 7.78
CA TRP D 108 -10.46 17.67 7.71
C TRP D 108 -10.86 18.37 6.42
N GLY D 109 -12.10 18.16 6.00
CA GLY D 109 -12.65 18.80 4.83
C GLY D 109 -13.15 20.20 5.13
N GLN D 110 -13.79 20.80 4.13
CA GLN D 110 -14.29 22.16 4.29
C GLN D 110 -15.65 22.18 4.96
N GLY D 111 -16.50 21.20 4.69
CA GLY D 111 -17.80 21.13 5.31
C GLY D 111 -18.88 21.85 4.53
N THR D 112 -19.97 21.15 4.24
CA THR D 112 -21.12 21.76 3.59
C THR D 112 -22.26 21.86 4.60
N LEU D 113 -23.15 22.82 4.38
CA LEU D 113 -24.29 23.06 5.26
C LEU D 113 -25.54 22.64 4.50
N VAL D 114 -25.91 21.38 4.65
CA VAL D 114 -27.16 20.88 4.08
C VAL D 114 -28.32 21.34 4.94
N THR D 115 -29.37 21.84 4.30
CA THR D 115 -30.49 22.46 4.99
C THR D 115 -31.78 21.76 4.59
N VAL D 116 -32.67 21.57 5.55
CA VAL D 116 -33.93 20.85 5.35
C VAL D 116 -35.05 21.73 5.90
N SER D 117 -35.77 22.41 5.01
CA SER D 117 -36.89 23.26 5.43
C SER D 117 -37.81 23.48 4.23
N GLY D 118 -38.80 24.35 4.42
CA GLY D 118 -39.86 24.55 3.44
C GLY D 118 -39.61 25.60 2.36
N ALA D 119 -38.88 26.66 2.68
CA ALA D 119 -38.63 27.73 1.72
C ALA D 119 -37.76 27.22 0.57
N LYS D 120 -37.55 28.07 -0.42
CA LYS D 120 -36.87 27.69 -1.65
C LYS D 120 -35.62 28.53 -1.87
N THR D 121 -34.78 28.09 -2.80
CA THR D 121 -33.50 28.73 -3.05
C THR D 121 -33.70 30.08 -3.74
N THR D 122 -33.26 31.15 -3.09
CA THR D 122 -33.35 32.50 -3.63
C THR D 122 -32.01 33.20 -3.42
N PRO D 123 -31.43 33.82 -4.45
CA PRO D 123 -30.18 34.55 -4.27
C PRO D 123 -30.42 35.87 -3.57
N PRO D 124 -29.39 36.46 -2.97
CA PRO D 124 -29.57 37.71 -2.22
C PRO D 124 -29.29 38.96 -3.04
N SER D 125 -29.93 40.05 -2.62
CA SER D 125 -29.61 41.38 -3.11
C SER D 125 -28.56 42.01 -2.23
N VAL D 126 -27.69 42.81 -2.84
CA VAL D 126 -26.59 43.49 -2.15
C VAL D 126 -26.86 44.98 -2.18
N TYR D 127 -26.83 45.61 -1.01
CA TYR D 127 -27.06 47.03 -0.86
C TYR D 127 -25.83 47.69 -0.26
N PRO D 128 -25.16 48.59 -0.97
CA PRO D 128 -24.01 49.29 -0.39
C PRO D 128 -24.42 50.14 0.80
N LEU D 129 -23.46 50.37 1.69
CA LEU D 129 -23.67 51.17 2.90
C LEU D 129 -22.58 52.24 2.99
N ALA D 130 -22.93 53.49 2.58
CA ALA D 130 -22.07 54.66 2.64
C ALA D 130 -22.24 55.40 3.97
N PRO D 131 -21.22 56.11 4.43
CA PRO D 131 -21.34 56.84 5.70
C PRO D 131 -22.45 57.87 5.72
N GLY D 132 -22.78 58.46 4.58
CA GLY D 132 -23.85 59.43 4.51
C GLY D 132 -23.42 60.83 4.87
N SER D 133 -23.24 61.10 6.16
CA SER D 133 -22.80 62.41 6.60
C SER D 133 -21.33 62.63 6.26
N ALA D 134 -21.03 63.80 5.70
CA ALA D 134 -19.66 64.14 5.30
C ALA D 134 -18.90 64.69 6.50
N ALA D 135 -18.68 63.81 7.49
CA ALA D 135 -17.94 64.14 8.69
C ALA D 135 -16.83 63.13 8.89
N GLN D 136 -15.62 63.62 9.11
CA GLN D 136 -14.45 62.77 9.31
C GLN D 136 -14.40 62.35 10.77
N THR D 137 -14.87 61.13 11.06
CA THR D 137 -14.81 60.63 12.43
C THR D 137 -13.37 60.46 12.88
N ASN D 138 -12.51 59.98 12.00
CA ASN D 138 -11.08 59.85 12.26
C ASN D 138 -10.36 59.77 10.92
N SER D 139 -9.08 59.37 10.97
CA SER D 139 -8.36 59.07 9.74
C SER D 139 -8.98 57.87 9.01
N MET D 140 -9.82 57.10 9.70
CA MET D 140 -10.48 55.93 9.16
C MET D 140 -11.97 56.20 9.00
N VAL D 141 -12.58 55.54 8.02
CA VAL D 141 -14.02 55.51 7.84
C VAL D 141 -14.43 54.07 7.64
N THR D 142 -15.52 53.66 8.31
CA THR D 142 -16.02 52.30 8.19
C THR D 142 -17.07 52.21 7.10
N LEU D 143 -16.96 51.17 6.30
CA LEU D 143 -17.75 50.96 5.09
C LEU D 143 -18.38 49.58 5.22
N GLY D 144 -19.26 49.21 4.30
CA GLY D 144 -19.83 47.88 4.41
C GLY D 144 -20.88 47.59 3.35
N CYS D 145 -21.27 46.32 3.31
CA CYS D 145 -22.31 45.81 2.42
C CYS D 145 -23.29 44.97 3.20
N LEU D 146 -24.58 45.15 2.93
CA LEU D 146 -25.64 44.36 3.53
C LEU D 146 -26.15 43.33 2.54
N VAL D 147 -26.43 42.14 3.03
CA VAL D 147 -26.90 41.02 2.21
C VAL D 147 -28.26 40.59 2.74
N LYS D 148 -29.31 40.92 1.99
CA LYS D 148 -30.69 40.68 2.42
C LYS D 148 -31.36 39.66 1.53
N GLY D 149 -32.23 38.84 2.13
CA GLY D 149 -33.13 37.99 1.37
C GLY D 149 -32.50 36.83 0.62
N TYR D 150 -31.99 35.85 1.36
CA TYR D 150 -31.44 34.64 0.76
C TYR D 150 -31.69 33.48 1.71
N PHE D 151 -32.21 32.37 1.18
CA PHE D 151 -32.56 31.26 2.06
C PHE D 151 -31.39 30.33 2.42
N PRO D 152 -30.67 29.74 1.46
CA PRO D 152 -29.64 28.76 1.85
C PRO D 152 -28.40 29.47 2.38
N GLU D 153 -27.89 28.97 3.50
CA GLU D 153 -27.09 29.81 4.41
C GLU D 153 -25.79 30.35 3.83
N PRO D 154 -24.93 29.56 3.19
CA PRO D 154 -23.57 30.05 2.89
C PRO D 154 -23.54 31.28 2.01
N VAL D 155 -22.92 32.34 2.51
CA VAL D 155 -22.52 33.51 1.71
C VAL D 155 -21.13 33.92 2.14
N THR D 156 -20.28 34.27 1.17
CA THR D 156 -18.92 34.70 1.43
C THR D 156 -18.76 36.13 0.94
N VAL D 157 -18.33 37.02 1.83
CA VAL D 157 -18.20 38.44 1.53
C VAL D 157 -16.71 38.78 1.55
N THR D 158 -16.14 39.01 0.37
CA THR D 158 -14.77 39.50 0.26
C THR D 158 -14.78 40.96 -0.16
N TRP D 159 -13.63 41.60 -0.04
CA TRP D 159 -13.50 43.03 -0.28
C TRP D 159 -12.38 43.28 -1.28
N ASN D 160 -12.73 43.88 -2.41
CA ASN D 160 -11.79 44.06 -3.53
C ASN D 160 -11.14 42.75 -3.93
N SER D 161 -11.97 41.70 -4.02
CA SER D 161 -11.52 40.34 -4.30
C SER D 161 -10.51 39.85 -3.26
N GLY D 162 -10.81 40.13 -1.99
CA GLY D 162 -9.95 39.71 -0.91
C GLY D 162 -8.71 40.55 -0.68
N SER D 163 -8.57 41.66 -1.41
CA SER D 163 -7.37 42.49 -1.26
C SER D 163 -7.36 43.22 0.08
N LEU D 164 -8.53 43.48 0.66
CA LEU D 164 -8.63 44.19 1.94
C LEU D 164 -8.90 43.15 3.04
N SER D 165 -7.83 42.73 3.71
CA SER D 165 -7.94 41.90 4.90
C SER D 165 -7.88 42.73 6.18
N SER D 166 -7.78 44.05 6.07
CA SER D 166 -7.58 44.94 7.21
C SER D 166 -8.89 45.07 7.99
N GLY D 167 -9.03 44.26 9.04
CA GLY D 167 -10.13 44.41 9.97
C GLY D 167 -11.51 44.33 9.35
N VAL D 168 -11.74 43.32 8.52
CA VAL D 168 -13.03 43.11 7.90
C VAL D 168 -13.87 42.20 8.79
N HIS D 169 -15.12 42.58 9.00
CA HIS D 169 -16.04 41.82 9.84
C HIS D 169 -17.19 41.28 8.98
N THR D 170 -17.60 40.04 9.28
CA THR D 170 -18.75 39.42 8.62
C THR D 170 -19.64 38.86 9.73
N PHE D 171 -20.71 39.59 10.04
CA PHE D 171 -21.56 39.22 11.15
C PHE D 171 -22.40 37.99 10.81
N PRO D 172 -22.68 37.13 11.79
CA PRO D 172 -23.48 35.93 11.53
C PRO D 172 -24.87 36.28 11.02
N ALA D 173 -25.36 35.46 10.09
CA ALA D 173 -26.66 35.72 9.48
C ALA D 173 -27.79 35.53 10.50
N VAL D 174 -28.87 36.27 10.28
CA VAL D 174 -30.06 36.21 11.12
C VAL D 174 -31.26 35.91 10.23
N LEU D 175 -32.20 35.13 10.74
CA LEU D 175 -33.36 34.69 9.97
C LEU D 175 -34.57 35.57 10.28
N GLN D 176 -35.18 36.11 9.23
CA GLN D 176 -36.44 36.85 9.34
C GLN D 176 -37.40 36.29 8.30
N SER D 177 -38.44 35.60 8.77
CA SER D 177 -39.46 35.02 7.89
C SER D 177 -38.83 34.19 6.78
N ASP D 178 -37.95 33.28 7.18
CA ASP D 178 -37.32 32.27 6.32
C ASP D 178 -36.34 32.85 5.33
N LEU D 179 -35.78 34.03 5.60
CA LEU D 179 -34.77 34.65 4.73
C LEU D 179 -33.62 35.17 5.59
N TYR D 180 -32.44 34.60 5.38
CA TYR D 180 -31.27 35.05 6.13
C TYR D 180 -30.81 36.42 5.63
N THR D 181 -30.36 37.25 6.58
CA THR D 181 -29.78 38.55 6.27
C THR D 181 -28.56 38.73 7.16
N LEU D 182 -27.51 39.35 6.62
CA LEU D 182 -26.32 39.64 7.39
C LEU D 182 -25.65 40.90 6.84
N SER D 183 -24.57 41.31 7.48
CA SER D 183 -23.86 42.52 7.13
C SER D 183 -22.36 42.25 7.13
N SER D 184 -21.64 43.11 6.43
CA SER D 184 -20.18 43.10 6.44
C SER D 184 -19.68 44.53 6.60
N SER D 185 -18.47 44.65 7.13
CA SER D 185 -17.87 45.96 7.36
C SER D 185 -16.38 45.89 7.02
N VAL D 186 -15.81 47.07 6.80
CA VAL D 186 -14.37 47.24 6.66
C VAL D 186 -13.96 48.46 7.48
N THR D 187 -12.66 48.76 7.42
CA THR D 187 -12.12 49.97 8.04
C THR D 187 -10.97 50.42 7.13
N VAL D 188 -11.27 51.32 6.21
CA VAL D 188 -10.32 51.75 5.20
C VAL D 188 -10.00 53.21 5.49
N PRO D 189 -8.76 53.66 5.29
CA PRO D 189 -8.44 55.06 5.57
C PRO D 189 -9.29 56.02 4.76
N SER D 190 -9.72 57.11 5.40
CA SER D 190 -10.54 58.10 4.72
C SER D 190 -9.81 58.80 3.59
N SER D 191 -8.48 58.73 3.58
CA SER D 191 -7.73 59.30 2.46
C SER D 191 -7.92 58.49 1.20
N THR D 192 -8.00 57.16 1.32
CA THR D 192 -8.08 56.26 0.18
C THR D 192 -9.52 55.83 -0.13
N TRP D 193 -10.51 56.55 0.39
CA TRP D 193 -11.90 56.36 -0.03
C TRP D 193 -12.59 57.71 0.12
N PRO D 194 -13.39 58.14 -0.88
CA PRO D 194 -13.69 57.43 -2.13
C PRO D 194 -12.65 57.68 -3.21
N SER D 195 -11.40 57.89 -2.79
CA SER D 195 -10.32 58.09 -3.76
C SER D 195 -10.12 56.86 -4.63
N GLU D 196 -10.18 55.66 -4.03
CA GLU D 196 -9.96 54.42 -4.75
C GLU D 196 -11.20 53.53 -4.64
N THR D 197 -11.37 52.69 -5.66
CA THR D 197 -12.58 51.88 -5.76
C THR D 197 -12.63 50.83 -4.67
N VAL D 198 -13.74 50.78 -3.95
CA VAL D 198 -13.96 49.79 -2.88
C VAL D 198 -15.21 49.01 -3.25
N THR D 199 -15.02 47.88 -3.94
CA THR D 199 -16.09 46.95 -4.26
C THR D 199 -16.09 45.83 -3.25
N CYS D 200 -17.28 45.35 -2.89
CA CYS D 200 -17.42 44.15 -2.08
C CYS D 200 -17.90 43.03 -2.98
N ASN D 201 -17.27 41.86 -2.84
CA ASN D 201 -17.56 40.70 -3.68
C ASN D 201 -18.25 39.66 -2.80
N VAL D 202 -19.49 39.33 -3.13
CA VAL D 202 -20.25 38.35 -2.37
C VAL D 202 -20.58 37.18 -3.28
N ALA D 203 -20.72 36.01 -2.67
CA ALA D 203 -21.02 34.78 -3.39
C ALA D 203 -22.08 34.00 -2.63
N HIS D 204 -22.99 33.37 -3.37
CA HIS D 204 -24.00 32.48 -2.80
C HIS D 204 -23.83 31.12 -3.48
N PRO D 205 -23.06 30.21 -2.88
CA PRO D 205 -22.78 28.93 -3.55
C PRO D 205 -24.01 28.07 -3.78
N ALA D 206 -25.10 28.31 -3.06
CA ALA D 206 -26.31 27.50 -3.21
C ALA D 206 -27.13 27.87 -4.44
N SER D 207 -26.76 28.94 -5.15
CA SER D 207 -27.44 29.30 -6.38
C SER D 207 -26.47 29.68 -7.51
N SER D 208 -25.16 29.55 -7.30
CA SER D 208 -24.15 29.88 -8.30
C SER D 208 -24.31 31.31 -8.80
N THR D 209 -24.45 32.23 -7.85
CA THR D 209 -24.65 33.64 -8.14
C THR D 209 -23.53 34.45 -7.50
N LYS D 210 -22.79 35.17 -8.32
CA LYS D 210 -21.76 36.09 -7.85
C LYS D 210 -22.20 37.50 -8.24
N VAL D 211 -22.35 38.39 -7.25
CA VAL D 211 -22.76 39.75 -7.53
C VAL D 211 -21.83 40.72 -6.78
N ASP D 212 -21.45 41.79 -7.46
CA ASP D 212 -20.57 42.81 -6.93
C ASP D 212 -21.36 44.09 -6.80
N LYS D 213 -20.91 44.97 -5.90
CA LYS D 213 -21.45 46.34 -5.87
C LYS D 213 -20.41 47.23 -5.20
N LYS D 214 -19.67 47.99 -6.02
CA LYS D 214 -18.84 49.05 -5.49
C LYS D 214 -19.72 50.01 -4.70
N ILE D 215 -19.26 50.41 -3.55
CA ILE D 215 -20.04 51.36 -2.79
C ILE D 215 -19.62 52.76 -3.22
N VAL D 216 -20.59 53.67 -3.21
CA VAL D 216 -20.38 55.07 -3.57
C VAL D 216 -21.09 55.94 -2.55
N PRO D 217 -20.67 57.19 -2.41
CA PRO D 217 -21.36 58.08 -1.47
C PRO D 217 -22.82 58.29 -1.87
N ARG D 218 -23.60 58.73 -0.89
CA ARG D 218 -25.02 59.03 -1.10
C ARG D 218 -25.16 60.30 -1.95
N ASP D 219 -26.39 60.77 -2.07
CA ASP D 219 -26.81 61.67 -3.15
C ASP D 219 -27.68 62.79 -2.58
N CYS D 220 -28.45 63.42 -3.47
CA CYS D 220 -29.07 64.75 -3.40
C CYS D 220 -28.12 65.89 -3.82
N GLY D 221 -26.85 65.62 -4.12
CA GLY D 221 -25.95 66.69 -4.54
C GLY D 221 -26.28 67.27 -5.90
C1 NAG E . 7.09 -1.99 7.41
C2 NAG E . 6.62 -1.67 8.83
C3 NAG E . 7.02 -0.26 9.23
C4 NAG E . 8.51 -0.06 9.00
C5 NAG E . 8.87 -0.40 7.56
C6 NAG E . 10.35 -0.32 7.26
C7 NAG E . 4.58 -2.32 10.02
C8 NAG E . 3.08 -2.38 9.97
N2 NAG E . 5.18 -1.83 8.94
O3 NAG E . 6.72 -0.07 10.61
O4 NAG E . 8.84 1.31 9.27
O5 NAG E . 8.48 -1.75 7.29
O6 NAG E . 11.10 -1.09 8.18
O7 NAG E . 5.21 -2.70 11.00
C1 NAG E . 9.87 1.30 10.29
C2 NAG E . 10.77 2.50 10.00
C3 NAG E . 11.90 2.55 11.03
C4 NAG E . 11.33 2.51 12.44
C5 NAG E . 10.38 1.34 12.61
C6 NAG E . 9.67 1.32 13.95
C7 NAG E . 11.86 3.47 8.02
C8 NAG E . 12.34 3.20 6.62
N2 NAG E . 11.30 2.42 8.65
O3 NAG E . 12.66 3.74 10.84
O4 NAG E . 12.41 2.41 13.36
O5 NAG E . 9.35 1.40 11.61
O6 NAG E . 8.70 2.35 14.05
O7 NAG E . 11.97 4.57 8.55
C1 BMA E . 12.28 3.46 14.34
C2 BMA E . 13.41 3.31 15.35
C3 BMA E . 13.14 4.30 16.46
C4 BMA E . 13.04 5.75 15.91
C5 BMA E . 12.06 5.81 14.71
C6 BMA E . 12.10 7.15 13.98
O2 BMA E . 14.67 3.64 14.77
O3 BMA E . 14.12 4.18 17.50
O4 BMA E . 12.57 6.61 16.93
O5 BMA E . 12.38 4.77 13.76
O6 BMA E . 10.78 7.46 13.54
C1 MAN E . 13.92 2.85 18.05
C2 MAN E . 13.44 3.04 19.56
C3 MAN E . 14.32 2.37 20.61
C4 MAN E . 14.99 1.14 20.04
C5 MAN E . 15.91 1.60 18.94
C6 MAN E . 16.83 0.49 18.42
O2 MAN E . 12.13 2.47 19.75
O3 MAN E . 13.53 2.04 21.75
O4 MAN E . 15.77 0.47 21.03
O5 MAN E . 15.11 2.02 17.82
O6 MAN E . 16.96 -0.50 19.43
C1 MAN E . 14.25 2.33 22.98
C2 MAN E . 13.95 1.17 23.94
C3 MAN E . 12.51 1.25 24.42
C4 MAN E . 12.22 2.63 25.02
C5 MAN E . 12.49 3.71 23.97
C6 MAN E . 12.28 5.12 24.48
O2 MAN E . 14.76 1.24 25.12
O3 MAN E . 12.19 0.22 25.34
O4 MAN E . 10.87 2.71 25.45
O5 MAN E . 13.86 3.60 23.51
O6 MAN E . 10.92 5.26 24.86
C1 NAG F . -26.57 -7.16 22.24
C2 NAG F . -27.44 -7.50 21.03
C3 NAG F . -28.92 -7.44 21.41
C4 NAG F . -29.20 -8.24 22.68
C5 NAG F . -28.19 -7.91 23.78
C6 NAG F . -28.31 -8.81 25.00
C7 NAG F . -27.33 -5.30 19.91
C8 NAG F . -27.00 -4.58 18.63
N2 NAG F . -27.18 -6.62 19.90
O3 NAG F . -29.71 -7.96 20.35
O4 NAG F . -30.48 -7.87 23.19
O5 NAG F . -26.85 -8.05 23.30
O6 NAG F . -27.92 -8.13 26.18
O7 NAG F . -27.74 -4.69 20.89
C1 NAG F . -31.54 -8.88 23.17
C2 NAG F . -32.42 -8.55 21.96
C3 NAG F . -33.59 -9.52 21.88
C4 NAG F . -33.10 -10.97 21.94
C5 NAG F . -32.15 -11.18 23.12
C6 NAG F . -31.53 -12.56 23.15
C7 NAG F . -32.63 -6.26 21.08
C8 NAG F . -33.20 -4.90 21.31
N2 NAG F . -32.90 -7.18 22.03
O3 NAG F . -34.28 -9.30 20.65
O4 NAG F . -34.18 -11.90 22.04
O5 NAG F . -31.08 -10.23 23.07
O6 NAG F . -30.53 -12.69 22.15
O7 NAG F . -31.96 -6.54 20.09
C1 BMA F . -35.43 -11.39 22.57
C2 BMA F . -36.55 -12.40 22.20
C3 BMA F . -37.89 -11.95 22.78
C4 BMA F . -37.77 -11.60 24.28
C5 BMA F . -36.61 -10.61 24.49
C6 BMA F . -36.40 -10.26 25.96
O2 BMA F . -36.28 -13.69 22.74
O3 BMA F . -38.91 -12.91 22.59
O4 BMA F . -38.98 -11.05 24.75
O5 BMA F . -35.40 -11.20 23.98
O6 BMA F . -37.55 -9.56 26.43
C1 NAG G . 10.72 -1.57 1.17
C2 NAG G . 10.22 -0.33 0.43
C3 NAG G . 11.40 0.58 0.10
C4 NAG G . 12.24 0.87 1.36
C5 NAG G . 12.59 -0.43 2.08
C6 NAG G . 13.27 -0.19 3.41
C7 NAG G . 8.17 -0.74 -0.83
C8 NAG G . 7.60 -1.14 -2.16
N2 NAG G . 9.51 -0.69 -0.77
O3 NAG G . 10.91 1.79 -0.46
O4 NAG G . 13.44 1.53 1.01
O5 NAG G . 11.40 -1.18 2.35
O6 NAG G . 13.29 -1.39 4.19
O7 NAG G . 7.46 -0.49 0.13
C1 NAG G . 13.24 2.96 1.18
C2 NAG G . 14.47 3.55 1.86
C3 NAG G . 14.33 5.07 1.99
C4 NAG G . 13.85 5.73 0.69
C5 NAG G . 12.70 4.94 0.07
C6 NAG G . 12.30 5.44 -1.30
C7 NAG G . 15.75 3.13 3.93
C8 NAG G . 15.76 2.43 5.25
N2 NAG G . 14.66 2.95 3.17
O3 NAG G . 15.60 5.60 2.36
O4 NAG G . 13.30 7.01 1.02
O5 NAG G . 13.06 3.57 -0.07
O6 NAG G . 11.07 4.85 -1.71
O7 NAG G . 16.69 3.82 3.56
C1 BMA G . 13.98 8.28 0.74
C2 BMA G . 15.54 8.27 0.95
C3 BMA G . 15.97 9.73 0.98
C4 BMA G . 15.47 10.52 -0.28
C5 BMA G . 13.99 10.18 -0.69
C6 BMA G . 13.63 10.65 -2.08
O2 BMA G . 16.21 7.68 -0.15
O3 BMA G . 17.38 9.87 1.13
O4 BMA G . 15.58 11.92 -0.03
O5 BMA G . 13.76 8.74 -0.60
O6 BMA G . 13.20 12.01 -1.99
#